data_4XL4
#
_entry.id   4XL4
#
_cell.length_a   204.307
_cell.length_b   54.171
_cell.length_c   73.112
_cell.angle_alpha   90.000
_cell.angle_beta   90.000
_cell.angle_gamma   90.000
#
_symmetry.space_group_name_H-M   'P 21 21 2'
#
loop_
_entity.id
_entity.type
_entity.pdbx_description
1 polymer 'Acetyl-CoA acetyltransferase'
2 non-polymer 'COENZYME A'
3 non-polymer GLYCEROL
4 water water
#
_entity_poly.entity_id   1
_entity_poly.type   'polypeptide(L)'
_entity_poly.pdbx_seq_one_letter_code
;MKEVVIASAVRTAIGSYGKSLKDVPAVDLGATAIKEAVKKAGIKPEDVNEVILGNVLQAGLGQNPARQASFKAGLPVEIP
AMTINKVCGSGLRTVSLAAQIIKAGDADVIIAGGMENMSRAPYLANNARWGYRMGNAKFVDEMITDGLWDAFNDYHMGIT
AENIAERWNISREEQDEFALASQKKAEEAIKSGQFKDEIVPVVIKGRKGETVVDTDEHPRFGSTIEGLAKLKPAFKKDGT
VTAGNASGLNDCAAVLVIMSAEKAKELGVKPLAKIVSYGSAGVDPAIMGYGPFYATKAAIEKAGWTVDELDLIESNEAFA
AQSLAVAKDLKFDMNKVNVNGGAIALGHPIGASGARILVTLVHAMQKRDAKKGLATLSIGGGQGTAILLEKCLEHHHHHH
;
_entity_poly.pdbx_strand_id   A,B
#
# COMPACT_ATOMS: atom_id res chain seq x y z
N MET A 1 -17.11 20.55 0.30
CA MET A 1 -16.48 19.37 0.94
C MET A 1 -16.71 19.49 2.45
N LYS A 2 -16.85 18.35 3.09
CA LYS A 2 -16.68 18.25 4.52
C LYS A 2 -15.31 18.76 4.91
N GLU A 3 -15.25 19.37 6.07
CA GLU A 3 -14.03 19.70 6.68
C GLU A 3 -13.47 18.48 7.39
N VAL A 4 -12.15 18.40 7.46
CA VAL A 4 -11.47 17.20 8.01
C VAL A 4 -10.54 17.66 9.12
N VAL A 5 -10.58 17.01 10.26
CA VAL A 5 -9.74 17.38 11.43
C VAL A 5 -8.92 16.22 11.96
N ILE A 6 -7.88 16.55 12.73
CA ILE A 6 -7.10 15.58 13.49
C ILE A 6 -7.61 15.60 14.93
N ALA A 7 -8.10 14.44 15.39
CA ALA A 7 -8.66 14.27 16.68
C ALA A 7 -7.61 13.90 17.71
N SER A 8 -6.59 13.17 17.33
CA SER A 8 -5.54 12.81 18.25
C SER A 8 -4.33 12.41 17.44
N ALA A 9 -3.16 12.49 18.06
CA ALA A 9 -1.91 12.23 17.38
C ALA A 9 -0.90 11.67 18.36
N VAL A 10 -0.43 10.48 18.08
CA VAL A 10 0.34 9.72 19.02
C VAL A 10 1.50 8.99 18.32
N ARG A 11 2.61 8.83 19.01
CA ARG A 11 3.71 8.02 18.50
C ARG A 11 4.42 7.26 19.60
N THR A 12 5.05 6.15 19.24
CA THR A 12 6.01 5.52 20.11
C THR A 12 7.27 6.36 20.07
N ALA A 13 8.14 6.15 21.02
CA ALA A 13 9.48 6.64 20.92
C ALA A 13 10.12 6.10 19.63
N ILE A 14 11.12 6.78 19.13
CA ILE A 14 11.92 6.31 18.01
C ILE A 14 13.18 5.58 18.49
N GLY A 15 13.20 4.28 18.28
CA GLY A 15 14.35 3.45 18.69
C GLY A 15 15.48 3.43 17.68
N SER A 16 16.69 3.22 18.15
CA SER A 16 17.84 3.13 17.26
C SER A 16 17.97 1.71 16.73
N TYR A 17 18.66 1.59 15.61
CA TYR A 17 18.80 0.36 14.87
C TYR A 17 19.46 -0.67 15.76
N GLY A 18 18.81 -1.80 15.93
CA GLY A 18 19.33 -2.89 16.71
C GLY A 18 19.30 -2.69 18.21
N LYS A 19 18.58 -1.68 18.67
CA LYS A 19 18.55 -1.35 20.08
C LYS A 19 17.19 -1.49 20.79
N SER A 20 16.63 -0.39 21.28
CA SER A 20 15.56 -0.44 22.25
C SER A 20 14.27 -1.15 21.79
N LEU A 21 13.95 -1.00 20.51
CA LEU A 21 12.74 -1.56 19.94
C LEU A 21 12.97 -2.81 19.06
N LYS A 22 14.15 -3.37 19.17
CA LYS A 22 14.57 -4.46 18.30
C LYS A 22 13.65 -5.67 18.43
N ASP A 23 13.16 -5.92 19.63
CA ASP A 23 12.26 -7.10 19.90
C ASP A 23 10.73 -6.81 19.76
N VAL A 24 10.34 -5.68 19.18
CA VAL A 24 8.95 -5.27 19.03
C VAL A 24 8.57 -5.12 17.57
N PRO A 25 7.83 -6.07 17.04
CA PRO A 25 7.40 -6.00 15.65
C PRO A 25 6.66 -4.70 15.32
N ALA A 26 6.81 -4.27 14.07
CA ALA A 26 6.15 -3.06 13.61
C ALA A 26 4.65 -3.09 13.90
N VAL A 27 4.00 -4.23 13.70
CA VAL A 27 2.55 -4.29 13.92
C VAL A 27 2.19 -4.11 15.41
N ASP A 28 3.10 -4.49 16.33
CA ASP A 28 2.88 -4.28 17.78
C ASP A 28 3.13 -2.84 18.20
N LEU A 29 4.13 -2.21 17.59
CA LEU A 29 4.29 -0.75 17.73
C LEU A 29 3.02 -0.03 17.23
N GLY A 30 2.54 -0.41 16.05
CA GLY A 30 1.33 0.12 15.52
C GLY A 30 0.11 -0.09 16.43
N ALA A 31 -0.07 -1.27 16.96
CA ALA A 31 -1.20 -1.54 17.89
C ALA A 31 -1.14 -0.71 19.13
N THR A 32 0.06 -0.50 19.67
CA THR A 32 0.26 0.33 20.87
C THR A 32 -0.16 1.75 20.60
N ALA A 33 0.23 2.28 19.46
CA ALA A 33 -0.14 3.60 19.06
C ALA A 33 -1.62 3.76 18.74
N ILE A 34 -2.22 2.74 18.09
CA ILE A 34 -3.63 2.82 17.75
C ILE A 34 -4.50 2.92 19.01
N LYS A 35 -4.24 2.02 19.95
CA LYS A 35 -4.99 1.99 21.22
C LYS A 35 -4.96 3.30 21.93
N GLU A 36 -3.80 3.90 21.99
CA GLU A 36 -3.68 5.15 22.68
C GLU A 36 -4.24 6.30 21.85
N ALA A 37 -4.14 6.25 20.51
CA ALA A 37 -4.77 7.28 19.72
C ALA A 37 -6.32 7.29 19.85
N VAL A 38 -6.92 6.09 19.92
CA VAL A 38 -8.35 5.98 20.05
C VAL A 38 -8.74 6.56 21.43
N LYS A 39 -7.99 6.22 22.45
N LYS A 39 -7.98 6.23 22.46
CA LYS A 39 -8.24 6.70 23.80
CA LYS A 39 -8.21 6.72 23.81
C LYS A 39 -8.10 8.22 23.93
C LYS A 39 -8.08 8.22 23.97
N LYS A 40 -7.01 8.78 23.41
CA LYS A 40 -6.84 10.25 23.33
C LYS A 40 -7.91 11.00 22.53
N ALA A 41 -8.41 10.41 21.46
CA ALA A 41 -9.47 11.06 20.73
C ALA A 41 -10.78 11.09 21.56
N GLY A 42 -10.91 10.18 22.51
CA GLY A 42 -12.11 10.09 23.32
C GLY A 42 -13.23 9.44 22.55
N ILE A 43 -12.90 8.49 21.67
CA ILE A 43 -13.91 7.80 20.95
C ILE A 43 -13.85 6.36 21.32
N LYS A 44 -14.77 5.60 20.80
CA LYS A 44 -14.79 4.14 21.01
C LYS A 44 -14.18 3.42 19.81
N PRO A 45 -13.63 2.23 20.01
CA PRO A 45 -13.12 1.47 18.85
C PRO A 45 -14.15 1.25 17.75
N GLU A 46 -15.41 1.01 18.13
CA GLU A 46 -16.53 0.88 17.20
C GLU A 46 -16.81 2.13 16.33
N ASP A 47 -16.31 3.29 16.71
CA ASP A 47 -16.46 4.52 15.91
C ASP A 47 -15.55 4.61 14.69
N VAL A 48 -14.52 3.77 14.63
CA VAL A 48 -13.54 3.84 13.50
C VAL A 48 -14.13 3.16 12.27
N ASN A 49 -14.13 3.82 11.11
CA ASN A 49 -14.60 3.21 9.88
C ASN A 49 -13.57 2.47 9.04
N GLU A 50 -12.28 2.86 9.14
CA GLU A 50 -11.26 2.21 8.31
C GLU A 50 -9.89 2.44 8.99
N VAL A 51 -8.92 1.56 8.71
CA VAL A 51 -7.53 1.73 9.17
C VAL A 51 -6.63 1.75 7.93
N ILE A 52 -5.83 2.82 7.78
CA ILE A 52 -4.95 2.96 6.62
C ILE A 52 -3.56 3.27 7.17
N LEU A 53 -2.62 2.33 7.11
CA LEU A 53 -1.32 2.54 7.70
C LEU A 53 -0.13 2.32 6.75
N GLY A 54 0.85 3.19 6.82
CA GLY A 54 2.06 3.03 6.03
C GLY A 54 3.03 2.01 6.60
N ASN A 55 3.61 1.21 5.74
CA ASN A 55 4.64 0.30 6.15
C ASN A 55 5.46 -0.05 4.91
N VAL A 56 6.76 0.08 4.97
CA VAL A 56 7.60 -0.12 3.80
C VAL A 56 8.29 -1.50 3.73
N LEU A 57 8.87 -1.93 4.84
CA LEU A 57 9.57 -3.20 4.89
C LEU A 57 8.61 -4.33 5.27
N GLN A 58 7.75 -4.70 4.33
CA GLN A 58 6.64 -5.58 4.63
C GLN A 58 7.06 -7.06 4.61
N ALA A 59 8.24 -7.31 4.08
CA ALA A 59 8.72 -8.70 3.85
C ALA A 59 8.68 -9.59 5.12
N GLY A 60 7.94 -10.68 4.96
CA GLY A 60 7.65 -11.63 6.01
C GLY A 60 6.79 -11.20 7.19
N LEU A 61 6.18 -10.01 7.13
CA LEU A 61 5.36 -9.55 8.22
C LEU A 61 3.99 -10.20 8.25
N GLY A 62 3.65 -10.94 7.20
CA GLY A 62 2.35 -11.67 7.17
C GLY A 62 1.31 -10.80 6.45
N GLN A 63 0.13 -11.35 6.24
CA GLN A 63 -0.87 -10.68 5.43
C GLN A 63 -1.24 -9.32 6.00
N ASN A 64 -1.20 -8.31 5.16
CA ASN A 64 -1.83 -7.03 5.49
C ASN A 64 -1.44 -6.46 6.85
N PRO A 65 -0.24 -5.92 6.98
CA PRO A 65 0.21 -5.52 8.31
C PRO A 65 -0.74 -4.53 8.97
N ALA A 66 -1.35 -3.64 8.21
CA ALA A 66 -2.28 -2.71 8.82
C ALA A 66 -3.41 -3.46 9.51
N ARG A 67 -3.90 -4.51 8.87
CA ARG A 67 -4.98 -5.29 9.43
C ARG A 67 -4.51 -5.95 10.73
N GLN A 68 -3.28 -6.45 10.76
CA GLN A 68 -2.73 -7.01 11.97
C GLN A 68 -2.65 -6.01 13.11
N ALA A 69 -2.16 -4.82 12.83
CA ALA A 69 -2.09 -3.75 13.86
C ALA A 69 -3.46 -3.41 14.43
N SER A 70 -4.42 -3.34 13.53
CA SER A 70 -5.81 -3.07 13.90
C SER A 70 -6.35 -4.11 14.92
N PHE A 71 -6.20 -5.37 14.55
CA PHE A 71 -6.66 -6.52 15.33
C PHE A 71 -5.96 -6.52 16.68
N LYS A 72 -4.63 -6.35 16.66
CA LYS A 72 -3.92 -6.39 17.91
C LYS A 72 -4.29 -5.23 18.79
N ALA A 73 -4.78 -4.16 18.20
CA ALA A 73 -5.19 -3.01 18.96
C ALA A 73 -6.54 -3.14 19.65
N GLY A 74 -7.28 -4.19 19.34
CA GLY A 74 -8.62 -4.36 19.90
C GLY A 74 -9.69 -3.80 19.01
N LEU A 75 -9.33 -3.37 17.79
CA LEU A 75 -10.39 -2.84 16.91
C LEU A 75 -11.26 -3.97 16.39
N PRO A 76 -12.57 -3.73 16.23
CA PRO A 76 -13.45 -4.80 15.74
C PRO A 76 -13.01 -5.36 14.37
N VAL A 77 -13.22 -6.65 14.18
CA VAL A 77 -12.86 -7.30 12.89
C VAL A 77 -13.63 -6.76 11.73
N GLU A 78 -14.77 -6.14 12.01
CA GLU A 78 -15.60 -5.52 10.97
C GLU A 78 -14.98 -4.33 10.21
N ILE A 79 -13.94 -3.72 10.76
CA ILE A 79 -13.35 -2.54 10.21
C ILE A 79 -12.33 -2.93 9.13
N PRO A 80 -12.54 -2.40 7.91
CA PRO A 80 -11.49 -2.69 6.87
C PRO A 80 -10.15 -2.00 7.10
N ALA A 81 -9.08 -2.59 6.56
CA ALA A 81 -7.73 -2.04 6.77
C ALA A 81 -6.92 -2.30 5.49
N MET A 82 -5.98 -1.39 5.24
CA MET A 82 -5.07 -1.53 4.17
C MET A 82 -3.74 -0.90 4.52
N THR A 83 -2.67 -1.47 3.93
CA THR A 83 -1.29 -1.05 4.07
C THR A 83 -0.78 -0.30 2.79
N ILE A 84 -0.25 0.90 3.01
CA ILE A 84 0.21 1.76 1.96
C ILE A 84 1.75 1.79 1.96
N ASN A 85 2.34 1.73 0.78
CA ASN A 85 3.76 1.93 0.62
C ASN A 85 4.05 3.01 -0.43
N LYS A 86 4.47 4.16 0.05
CA LYS A 86 4.96 5.26 -0.75
C LYS A 86 6.34 5.60 -0.16
N VAL A 87 7.08 4.56 0.23
CA VAL A 87 8.41 4.70 0.85
C VAL A 87 8.37 5.69 2.03
N CYS A 88 9.31 6.64 2.10
CA CYS A 88 9.32 7.60 3.23
C CYS A 88 8.02 8.40 3.44
N GLY A 89 7.23 8.52 2.40
CA GLY A 89 5.98 9.30 2.43
C GLY A 89 4.77 8.55 2.94
N SER A 90 4.96 7.26 3.22
CA SER A 90 3.84 6.37 3.48
C SER A 90 2.96 6.85 4.57
N GLY A 91 3.58 7.21 5.68
CA GLY A 91 2.87 7.55 6.87
C GLY A 91 2.18 8.91 6.75
N LEU A 92 2.70 9.81 5.95
CA LEU A 92 2.05 11.10 5.78
C LEU A 92 0.91 10.96 4.79
N ARG A 93 1.17 10.19 3.73
CA ARG A 93 0.17 10.01 2.67
C ARG A 93 -1.09 9.31 3.13
N THR A 94 -1.00 8.47 4.16
CA THR A 94 -2.20 7.82 4.65
C THR A 94 -3.13 8.88 5.26
N VAL A 95 -2.54 9.93 5.79
CA VAL A 95 -3.35 10.95 6.42
C VAL A 95 -4.11 11.76 5.37
N SER A 96 -3.47 12.08 4.25
CA SER A 96 -4.21 12.74 3.22
C SER A 96 -5.20 11.84 2.45
N LEU A 97 -4.90 10.56 2.33
CA LEU A 97 -5.82 9.62 1.84
C LEU A 97 -7.05 9.53 2.73
N ALA A 98 -6.83 9.51 4.03
CA ALA A 98 -7.97 9.55 4.97
C ALA A 98 -8.86 10.78 4.72
N ALA A 99 -8.25 11.96 4.59
CA ALA A 99 -8.96 13.16 4.30
C ALA A 99 -9.75 13.03 3.01
N GLN A 100 -9.15 12.41 2.00
CA GLN A 100 -9.83 12.27 0.71
C GLN A 100 -11.04 11.37 0.78
N ILE A 101 -10.90 10.29 1.49
CA ILE A 101 -12.00 9.32 1.62
C ILE A 101 -13.18 10.01 2.39
N ILE A 102 -12.86 10.75 3.43
CA ILE A 102 -13.88 11.50 4.21
C ILE A 102 -14.60 12.59 3.33
N LYS A 103 -13.82 13.36 2.60
CA LYS A 103 -14.31 14.32 1.57
C LYS A 103 -15.16 13.65 0.50
N ALA A 104 -14.82 12.41 0.17
CA ALA A 104 -15.63 11.64 -0.78
C ALA A 104 -16.96 11.17 -0.26
N GLY A 105 -17.17 11.28 1.04
CA GLY A 105 -18.44 10.95 1.68
C GLY A 105 -18.49 9.55 2.16
N ASP A 106 -17.36 8.89 2.28
CA ASP A 106 -17.41 7.45 2.53
C ASP A 106 -17.03 7.02 3.92
N ALA A 107 -16.58 7.95 4.76
CA ALA A 107 -16.29 7.62 6.14
C ALA A 107 -16.30 8.86 6.97
N ASP A 108 -16.43 8.67 8.30
CA ASP A 108 -16.38 9.77 9.25
C ASP A 108 -15.15 9.74 10.16
N VAL A 109 -14.57 8.56 10.36
CA VAL A 109 -13.48 8.35 11.32
C VAL A 109 -12.50 7.29 10.77
N ILE A 110 -11.23 7.66 10.66
CA ILE A 110 -10.17 6.81 10.06
C ILE A 110 -8.94 6.87 10.92
N ILE A 111 -8.35 5.73 11.14
CA ILE A 111 -7.08 5.63 11.85
C ILE A 111 -6.03 5.66 10.74
N ALA A 112 -5.10 6.61 10.79
CA ALA A 112 -4.07 6.71 9.80
C ALA A 112 -2.69 6.83 10.47
N GLY A 113 -1.63 6.78 9.66
CA GLY A 113 -0.29 6.97 10.17
C GLY A 113 0.61 5.90 9.59
N GLY A 114 1.53 5.41 10.36
CA GLY A 114 2.47 4.40 9.83
C GLY A 114 3.30 3.75 10.89
N MET A 115 4.03 2.71 10.50
CA MET A 115 4.78 1.91 11.44
C MET A 115 5.98 1.31 10.72
N GLU A 116 7.09 1.13 11.43
CA GLU A 116 8.27 0.55 10.82
C GLU A 116 9.16 0.02 11.84
N ASN A 117 9.70 -1.17 11.61
CA ASN A 117 10.79 -1.65 12.37
C ASN A 117 11.89 -2.10 11.45
N MET A 118 12.84 -1.19 11.27
CA MET A 118 13.97 -1.43 10.43
C MET A 118 14.94 -2.43 11.02
N SER A 119 15.03 -2.48 12.33
CA SER A 119 15.91 -3.44 13.01
C SER A 119 15.55 -4.90 12.70
N ARG A 120 14.25 -5.15 12.42
CA ARG A 120 13.75 -6.48 12.19
C ARG A 120 13.66 -6.95 10.71
N ALA A 121 14.13 -6.15 9.78
CA ALA A 121 14.06 -6.51 8.39
C ALA A 121 14.86 -7.83 8.11
N PRO A 122 14.31 -8.67 7.27
CA PRO A 122 14.96 -9.95 6.96
C PRO A 122 16.09 -9.78 5.97
N TYR A 123 16.75 -10.89 5.71
CA TYR A 123 17.53 -11.11 4.52
C TYR A 123 16.77 -12.05 3.57
N LEU A 124 17.04 -11.91 2.29
CA LEU A 124 16.29 -12.66 1.25
C LEU A 124 17.21 -13.50 0.38
N ALA A 125 16.62 -14.59 -0.08
CA ALA A 125 17.21 -15.44 -1.13
C ALA A 125 16.17 -15.44 -2.24
N ASN A 126 16.46 -14.68 -3.30
CA ASN A 126 15.59 -14.49 -4.50
C ASN A 126 15.37 -15.68 -5.40
N ASN A 127 16.28 -16.64 -5.38
CA ASN A 127 16.16 -17.77 -6.31
C ASN A 127 16.13 -19.14 -5.63
N ALA A 128 15.74 -19.15 -4.37
CA ALA A 128 15.61 -20.38 -3.61
C ALA A 128 14.38 -21.18 -4.05
N ARG A 129 13.38 -20.50 -4.64
CA ARG A 129 12.14 -21.18 -5.01
C ARG A 129 12.40 -22.20 -6.13
N TRP A 130 13.05 -21.75 -7.19
CA TRP A 130 13.22 -22.56 -8.39
C TRP A 130 14.71 -23.01 -8.52
N GLY A 131 15.55 -22.47 -7.68
CA GLY A 131 16.91 -22.91 -7.55
C GLY A 131 18.02 -22.00 -8.10
N TYR A 132 19.16 -21.96 -7.42
CA TYR A 132 20.36 -21.29 -7.94
C TYR A 132 21.13 -21.99 -9.09
N ARG A 133 21.04 -23.31 -9.10
CA ARG A 133 21.78 -24.21 -9.97
C ARG A 133 23.27 -24.33 -9.68
N MET A 134 24.01 -23.24 -9.80
CA MET A 134 25.43 -23.25 -9.48
C MET A 134 25.90 -21.84 -9.24
N GLY A 135 26.89 -21.68 -8.37
CA GLY A 135 27.52 -20.39 -8.23
C GLY A 135 26.98 -19.57 -7.04
N ASN A 136 27.85 -18.77 -6.48
CA ASN A 136 27.46 -17.87 -5.37
C ASN A 136 26.39 -16.90 -5.83
N ALA A 137 25.55 -16.47 -4.92
CA ALA A 137 24.59 -15.47 -5.25
C ALA A 137 24.52 -14.43 -4.14
N LYS A 138 23.62 -13.46 -4.30
CA LYS A 138 23.43 -12.47 -3.27
C LYS A 138 22.48 -12.92 -2.16
N PHE A 139 22.91 -12.72 -0.91
CA PHE A 139 22.05 -12.79 0.25
C PHE A 139 21.64 -11.33 0.51
N VAL A 140 20.42 -10.99 0.13
CA VAL A 140 19.96 -9.60 -0.01
C VAL A 140 19.46 -9.02 1.32
N ASP A 141 20.00 -7.86 1.69
CA ASP A 141 19.50 -7.07 2.82
C ASP A 141 18.20 -6.40 2.41
N GLU A 142 17.09 -6.89 2.90
CA GLU A 142 15.79 -6.39 2.47
C GLU A 142 15.56 -4.92 2.81
N MET A 143 16.08 -4.53 3.95
CA MET A 143 15.98 -3.13 4.39
C MET A 143 16.62 -2.22 3.38
N ILE A 144 17.81 -2.55 2.92
CA ILE A 144 18.45 -1.71 1.88
C ILE A 144 17.64 -1.73 0.57
N THR A 145 17.28 -2.94 0.10
CA THR A 145 16.66 -3.07 -1.23
C THR A 145 15.28 -2.39 -1.28
N ASP A 146 14.45 -2.74 -0.32
CA ASP A 146 13.11 -2.20 -0.24
C ASP A 146 12.95 -0.75 0.22
N GLY A 147 13.90 -0.29 1.02
CA GLY A 147 13.78 1.02 1.60
C GLY A 147 14.79 2.09 1.27
N LEU A 148 16.02 1.69 0.95
CA LEU A 148 17.13 2.63 0.85
C LEU A 148 17.87 2.70 -0.47
N TRP A 149 17.40 1.95 -1.45
CA TRP A 149 18.17 1.81 -2.70
C TRP A 149 17.34 2.31 -3.87
N ASP A 150 17.94 3.14 -4.71
CA ASP A 150 17.21 3.60 -5.86
C ASP A 150 17.07 2.50 -6.92
N ALA A 151 15.85 2.26 -7.36
CA ALA A 151 15.57 1.12 -8.23
C ALA A 151 15.98 1.44 -9.69
N PHE A 152 16.16 2.72 -10.02
CA PHE A 152 16.41 3.18 -11.40
C PHE A 152 17.89 3.42 -11.63
N ASN A 153 18.52 4.04 -10.64
CA ASN A 153 19.94 4.40 -10.71
C ASN A 153 20.92 3.42 -10.04
N ASP A 154 20.42 2.41 -9.34
CA ASP A 154 21.25 1.39 -8.71
C ASP A 154 22.28 1.95 -7.71
N TYR A 155 21.84 2.88 -6.89
CA TYR A 155 22.65 3.37 -5.80
C TYR A 155 21.85 3.79 -4.57
N HIS A 156 22.53 3.92 -3.44
CA HIS A 156 21.92 4.24 -2.17
C HIS A 156 21.24 5.61 -2.21
N MET A 157 20.19 5.78 -1.45
CA MET A 157 19.66 7.11 -1.22
C MET A 157 20.73 8.14 -0.81
N GLY A 158 21.77 7.72 -0.11
CA GLY A 158 22.86 8.65 0.25
C GLY A 158 23.54 9.28 -0.97
N ILE A 159 23.57 8.57 -2.08
CA ILE A 159 24.11 9.14 -3.35
C ILE A 159 23.20 10.23 -3.95
N THR A 160 21.88 10.08 -3.81
CA THR A 160 20.95 11.15 -4.16
C THR A 160 21.21 12.41 -3.34
N ALA A 161 21.57 12.27 -2.08
CA ALA A 161 22.00 13.42 -1.29
C ALA A 161 23.30 14.03 -1.77
N GLU A 162 24.27 13.22 -2.12
CA GLU A 162 25.52 13.75 -2.70
C GLU A 162 25.23 14.52 -4.02
N ASN A 163 24.31 13.99 -4.83
CA ASN A 163 23.93 14.64 -6.09
C ASN A 163 23.40 16.02 -5.78
N ILE A 164 22.53 16.12 -4.75
CA ILE A 164 21.98 17.42 -4.35
C ILE A 164 23.08 18.34 -3.77
N ALA A 165 23.99 17.80 -2.97
CA ALA A 165 25.10 18.60 -2.42
C ALA A 165 25.94 19.22 -3.57
N GLU A 166 26.23 18.42 -4.57
CA GLU A 166 26.97 18.85 -5.76
C GLU A 166 26.24 19.88 -6.59
N ARG A 167 24.99 19.62 -6.93
CA ARG A 167 24.25 20.52 -7.83
C ARG A 167 23.85 21.86 -7.18
N TRP A 168 23.51 21.81 -5.91
CA TRP A 168 23.15 23.01 -5.16
C TRP A 168 24.38 23.67 -4.51
N ASN A 169 25.56 23.07 -4.55
N ASN A 169 25.57 23.10 -4.60
CA ASN A 169 26.77 23.59 -3.94
CA ASN A 169 26.75 23.63 -3.93
C ASN A 169 26.64 23.79 -2.45
C ASN A 169 26.69 23.76 -2.41
N ILE A 170 26.28 22.70 -1.76
CA ILE A 170 26.12 22.70 -0.33
C ILE A 170 27.32 21.98 0.25
N SER A 171 28.10 22.71 1.03
CA SER A 171 29.37 22.22 1.49
C SER A 171 29.19 21.29 2.67
N ARG A 172 30.21 20.49 2.93
CA ARG A 172 30.28 19.64 4.10
C ARG A 172 30.10 20.46 5.35
N GLU A 173 30.75 21.61 5.42
CA GLU A 173 30.56 22.42 6.63
C GLU A 173 29.12 22.89 6.86
N GLU A 174 28.46 23.32 5.80
CA GLU A 174 27.10 23.77 5.87
C GLU A 174 26.19 22.60 6.34
N GLN A 175 26.46 21.44 5.78
CA GLN A 175 25.73 20.21 6.18
C GLN A 175 25.95 19.86 7.65
N ASP A 176 27.21 19.91 8.14
CA ASP A 176 27.53 19.67 9.57
C ASP A 176 26.94 20.69 10.56
N GLU A 177 26.93 21.96 10.17
CA GLU A 177 26.29 23.00 10.99
C GLU A 177 24.77 22.80 11.12
N PHE A 178 24.15 22.41 10.02
CA PHE A 178 22.74 22.06 10.02
C PHE A 178 22.51 20.87 10.91
N ALA A 179 23.34 19.83 10.81
CA ALA A 179 23.16 18.64 11.64
C ALA A 179 23.30 18.99 13.12
N LEU A 180 24.30 19.83 13.45
CA LEU A 180 24.55 20.17 14.86
C LEU A 180 23.39 20.93 15.44
N ALA A 181 22.82 21.84 14.65
CA ALA A 181 21.65 22.60 15.10
C ALA A 181 20.44 21.69 15.37
N SER A 182 20.27 20.63 14.56
CA SER A 182 19.21 19.66 14.79
C SER A 182 19.42 18.87 16.09
N GLN A 183 20.65 18.43 16.34
CA GLN A 183 20.97 17.76 17.58
C GLN A 183 20.70 18.66 18.77
N LYS A 184 21.09 19.91 18.68
CA LYS A 184 20.90 20.81 19.84
C LYS A 184 19.41 21.05 20.13
N LYS A 185 18.64 21.26 19.09
CA LYS A 185 17.18 21.43 19.22
C LYS A 185 16.52 20.22 19.78
N ALA A 186 16.97 19.04 19.33
CA ALA A 186 16.42 17.78 19.83
C ALA A 186 16.72 17.54 21.29
N GLU A 187 17.97 17.78 21.68
CA GLU A 187 18.32 17.69 23.11
C GLU A 187 17.48 18.65 24.00
N GLU A 188 17.41 19.90 23.64
CA GLU A 188 16.67 20.88 24.39
C GLU A 188 15.18 20.51 24.45
N ALA A 189 14.60 20.02 23.33
CA ALA A 189 13.19 19.61 23.31
C ALA A 189 12.90 18.42 24.20
N ILE A 190 13.78 17.40 24.17
CA ILE A 190 13.61 16.23 24.98
C ILE A 190 13.67 16.63 26.46
N LYS A 191 14.71 17.38 26.83
CA LYS A 191 14.92 17.73 28.25
C LYS A 191 13.84 18.69 28.80
N SER A 192 13.27 19.55 27.95
CA SER A 192 12.18 20.43 28.34
C SER A 192 10.78 19.80 28.22
N GLY A 193 10.70 18.52 27.84
CA GLY A 193 9.45 17.79 27.89
C GLY A 193 8.53 18.04 26.72
N GLN A 194 9.11 18.48 25.60
CA GLN A 194 8.25 18.77 24.44
C GLN A 194 7.59 17.58 23.84
N PHE A 195 8.18 16.41 24.01
CA PHE A 195 7.66 15.16 23.40
C PHE A 195 6.84 14.30 24.35
N LYS A 196 6.71 14.77 25.58
CA LYS A 196 6.10 13.94 26.60
C LYS A 196 4.64 13.63 26.31
N ASP A 197 3.90 14.62 25.85
CA ASP A 197 2.51 14.46 25.54
C ASP A 197 2.26 13.52 24.32
N GLU A 198 3.13 13.63 23.30
CA GLU A 198 2.95 12.81 22.08
C GLU A 198 3.40 11.33 22.19
N ILE A 199 4.29 10.98 23.12
CA ILE A 199 4.89 9.62 23.17
C ILE A 199 4.09 8.69 24.04
N VAL A 200 3.66 7.56 23.46
CA VAL A 200 2.98 6.53 24.23
C VAL A 200 4.07 5.53 24.58
N PRO A 201 4.12 5.09 25.83
CA PRO A 201 5.15 4.11 26.19
C PRO A 201 4.95 2.78 25.56
N VAL A 202 6.02 2.05 25.27
CA VAL A 202 5.92 0.67 24.75
C VAL A 202 6.43 -0.24 25.89
N VAL A 203 5.64 -1.23 26.27
CA VAL A 203 5.97 -2.11 27.38
C VAL A 203 6.38 -3.43 26.76
N ILE A 204 7.60 -3.84 27.05
CA ILE A 204 8.23 -5.01 26.50
C ILE A 204 8.32 -6.03 27.60
N LYS A 205 7.55 -7.08 27.39
CA LYS A 205 7.31 -8.14 28.32
C LYS A 205 8.04 -9.33 27.81
N GLY A 206 9.18 -9.61 28.41
CA GLY A 206 9.96 -10.77 28.07
C GLY A 206 9.52 -11.96 28.89
N ARG A 207 10.29 -13.02 28.79
CA ARG A 207 10.06 -14.22 29.57
C ARG A 207 10.18 -13.91 31.06
N LYS A 208 11.14 -13.05 31.36
CA LYS A 208 11.58 -12.78 32.72
C LYS A 208 11.24 -11.45 33.34
N GLY A 209 10.88 -10.47 32.53
CA GLY A 209 10.70 -9.12 33.02
C GLY A 209 9.88 -8.21 32.15
N GLU A 210 9.61 -7.00 32.64
CA GLU A 210 9.01 -5.95 31.84
C GLU A 210 9.96 -4.79 31.78
N THR A 211 10.06 -4.20 30.60
CA THR A 211 10.88 -3.04 30.32
C THR A 211 9.96 -2.00 29.69
N VAL A 212 10.16 -0.73 29.97
CA VAL A 212 9.34 0.32 29.35
C VAL A 212 10.22 1.19 28.47
N VAL A 213 9.83 1.40 27.22
CA VAL A 213 10.55 2.32 26.34
C VAL A 213 9.66 3.51 26.03
N ASP A 214 10.13 4.68 26.42
CA ASP A 214 9.35 5.89 26.23
C ASP A 214 10.15 7.15 25.90
N THR A 215 11.39 6.99 25.50
CA THR A 215 12.25 8.10 25.21
C THR A 215 12.95 7.89 23.90
N ASP A 216 13.03 8.92 23.07
CA ASP A 216 13.73 8.79 21.81
C ASP A 216 15.21 8.49 22.09
N GLU A 217 15.79 7.46 21.49
CA GLU A 217 17.16 7.16 21.82
C GLU A 217 18.24 7.57 20.83
N HIS A 218 17.86 8.08 19.68
CA HIS A 218 18.82 8.32 18.62
C HIS A 218 19.70 9.60 18.79
N PRO A 219 19.18 10.61 19.48
CA PRO A 219 19.98 11.80 19.55
C PRO A 219 21.30 11.57 20.30
N ARG A 220 22.31 12.34 19.87
CA ARG A 220 23.62 12.31 20.52
C ARG A 220 23.83 13.62 21.28
N PHE A 221 23.54 13.56 22.55
CA PHE A 221 23.55 14.79 23.36
C PHE A 221 24.99 15.21 23.48
N GLY A 222 25.21 16.51 23.56
CA GLY A 222 26.57 17.01 23.61
C GLY A 222 27.33 16.90 22.28
N SER A 223 26.59 16.86 21.17
CA SER A 223 27.20 16.85 19.85
C SER A 223 28.05 18.12 19.69
N THR A 224 29.14 17.99 18.92
CA THR A 224 30.03 19.14 18.66
C THR A 224 30.36 19.24 17.21
N ILE A 225 30.63 20.43 16.77
CA ILE A 225 31.02 20.59 15.40
C ILE A 225 32.32 19.81 15.05
N GLU A 226 33.30 19.79 15.97
CA GLU A 226 34.52 19.03 15.76
C GLU A 226 34.23 17.55 15.57
N GLY A 227 33.31 17.00 16.40
CA GLY A 227 32.91 15.58 16.33
C GLY A 227 32.37 15.26 14.94
N LEU A 228 31.62 16.20 14.38
CA LEU A 228 31.00 16.00 13.07
C LEU A 228 32.05 16.12 11.97
N ALA A 229 32.98 17.06 12.13
CA ALA A 229 33.92 17.34 11.08
C ALA A 229 34.91 16.20 10.86
N LYS A 230 35.13 15.40 11.88
CA LYS A 230 36.07 14.31 11.74
C LYS A 230 35.48 13.03 11.10
N LEU A 231 34.16 12.94 10.95
CA LEU A 231 33.55 11.72 10.46
C LEU A 231 33.92 11.43 9.03
N LYS A 232 34.09 10.17 8.71
CA LYS A 232 34.36 9.77 7.36
C LYS A 232 33.08 9.83 6.49
N PRO A 233 33.23 9.99 5.16
CA PRO A 233 32.09 9.93 4.27
C PRO A 233 31.38 8.58 4.26
N ALA A 234 30.06 8.58 4.25
CA ALA A 234 29.37 7.31 4.35
C ALA A 234 29.09 6.58 3.04
N PHE A 235 29.08 7.29 1.92
CA PHE A 235 28.55 6.72 0.67
C PHE A 235 29.46 6.75 -0.53
N LYS A 236 30.45 7.63 -0.52
CA LYS A 236 31.42 7.65 -1.60
C LYS A 236 32.71 8.24 -1.13
N LYS A 237 33.81 7.82 -1.80
CA LYS A 237 35.11 8.49 -1.60
C LYS A 237 35.00 10.03 -1.72
N ASP A 238 35.55 10.71 -0.74
CA ASP A 238 35.53 12.15 -0.69
C ASP A 238 34.12 12.76 -0.66
N GLY A 239 33.16 12.02 -0.14
CA GLY A 239 31.77 12.50 -0.08
C GLY A 239 31.64 13.52 1.05
N THR A 240 30.55 14.29 0.94
CA THR A 240 30.14 15.27 1.91
C THR A 240 29.17 14.71 2.94
N VAL A 241 28.50 13.60 2.60
CA VAL A 241 27.51 13.02 3.44
C VAL A 241 28.15 11.97 4.33
N THR A 242 27.85 12.05 5.62
CA THR A 242 28.39 11.20 6.63
C THR A 242 27.27 10.69 7.52
N ALA A 243 27.58 9.72 8.36
CA ALA A 243 26.58 9.28 9.36
C ALA A 243 26.07 10.43 10.23
N GLY A 244 26.90 11.45 10.41
CA GLY A 244 26.54 12.56 11.31
C GLY A 244 25.61 13.60 10.69
N ASN A 245 25.60 13.69 9.38
CA ASN A 245 24.71 14.60 8.71
C ASN A 245 23.62 13.92 7.85
N ALA A 246 23.37 12.63 8.12
CA ALA A 246 22.36 11.83 7.45
C ALA A 246 21.48 11.33 8.57
N SER A 247 20.21 11.08 8.26
CA SER A 247 19.25 10.50 9.24
C SER A 247 19.67 9.04 9.50
N GLY A 248 19.07 8.38 10.48
CA GLY A 248 19.46 7.02 10.84
C GLY A 248 18.50 5.98 10.34
N LEU A 249 18.75 4.76 10.77
CA LEU A 249 17.89 3.62 10.55
C LEU A 249 17.17 3.38 11.90
N ASN A 250 15.83 3.42 11.93
CA ASN A 250 15.10 3.50 13.19
C ASN A 250 13.76 2.78 13.17
N ASP A 251 13.16 2.64 14.36
CA ASP A 251 11.95 1.87 14.59
C ASP A 251 10.93 2.77 15.32
N CYS A 252 9.66 2.78 14.88
CA CYS A 252 8.65 3.70 15.45
C CYS A 252 7.31 3.36 14.83
N ALA A 253 6.26 3.70 15.54
CA ALA A 253 4.96 3.87 14.92
C ALA A 253 4.33 5.17 15.33
N ALA A 254 3.53 5.75 14.44
CA ALA A 254 2.92 7.03 14.73
C ALA A 254 1.52 7.00 14.11
N VAL A 255 0.50 7.33 14.88
CA VAL A 255 -0.90 7.11 14.46
C VAL A 255 -1.73 8.35 14.81
N LEU A 256 -2.64 8.70 13.92
CA LEU A 256 -3.55 9.83 14.15
C LEU A 256 -4.97 9.35 13.91
N VAL A 257 -5.93 9.88 14.66
CA VAL A 257 -7.37 9.68 14.33
C VAL A 257 -7.78 10.86 13.51
N ILE A 258 -8.28 10.59 12.32
CA ILE A 258 -8.72 11.61 11.40
C ILE A 258 -10.25 11.54 11.33
N MET A 259 -10.94 12.67 11.42
CA MET A 259 -12.41 12.70 11.34
C MET A 259 -12.98 13.87 10.56
N SER A 260 -14.22 13.73 10.12
CA SER A 260 -14.96 14.88 9.67
C SER A 260 -15.17 15.81 10.87
N ALA A 261 -15.13 17.11 10.65
CA ALA A 261 -15.46 18.09 11.69
C ALA A 261 -16.87 17.83 12.28
N GLU A 262 -17.82 17.39 11.47
N GLU A 262 -17.79 17.40 11.42
CA GLU A 262 -19.18 17.20 12.02
CA GLU A 262 -19.18 17.15 11.84
C GLU A 262 -19.28 15.96 12.89
C GLU A 262 -19.27 15.98 12.83
N LYS A 263 -18.57 14.88 12.52
CA LYS A 263 -18.48 13.75 13.42
C LYS A 263 -17.78 14.09 14.74
N ALA A 264 -16.65 14.83 14.66
CA ALA A 264 -15.95 15.24 15.84
C ALA A 264 -16.92 16.04 16.74
N LYS A 265 -17.67 16.97 16.18
CA LYS A 265 -18.64 17.75 17.03
C LYS A 265 -19.64 16.88 17.74
N GLU A 266 -20.17 15.96 16.98
CA GLU A 266 -21.18 15.03 17.42
C GLU A 266 -20.69 14.18 18.59
N LEU A 267 -19.40 13.82 18.58
CA LEU A 267 -18.82 12.86 19.53
C LEU A 267 -18.18 13.60 20.67
N GLY A 268 -18.27 14.92 20.69
CA GLY A 268 -17.69 15.69 21.78
C GLY A 268 -16.18 15.83 21.68
N VAL A 269 -15.60 15.55 20.52
CA VAL A 269 -14.12 15.63 20.37
C VAL A 269 -13.65 17.05 20.19
N LYS A 270 -12.58 17.42 20.86
CA LYS A 270 -11.95 18.71 20.65
C LYS A 270 -10.77 18.54 19.69
N PRO A 271 -10.92 18.93 18.43
CA PRO A 271 -9.89 18.62 17.47
C PRO A 271 -8.63 19.40 17.69
N LEU A 272 -7.50 18.80 17.32
CA LEU A 272 -6.21 19.45 17.43
C LEU A 272 -5.93 20.37 16.27
N ALA A 273 -6.40 20.04 15.06
CA ALA A 273 -6.16 20.87 13.90
C ALA A 273 -7.07 20.44 12.77
N LYS A 274 -7.21 21.33 11.80
CA LYS A 274 -7.88 21.11 10.54
C LYS A 274 -6.86 20.82 9.46
N ILE A 275 -7.17 19.82 8.66
CA ILE A 275 -6.35 19.51 7.51
C ILE A 275 -6.83 20.43 6.42
N VAL A 276 -6.01 21.39 6.02
CA VAL A 276 -6.42 22.42 5.05
C VAL A 276 -6.25 21.93 3.59
N SER A 277 -5.08 21.40 3.25
CA SER A 277 -4.76 20.96 1.94
C SER A 277 -3.55 20.03 2.04
N TYR A 278 -3.18 19.49 0.90
CA TYR A 278 -2.12 18.47 0.84
C TYR A 278 -1.71 18.37 -0.62
N GLY A 279 -0.56 17.76 -0.87
CA GLY A 279 -0.11 17.57 -2.21
C GLY A 279 1.00 16.55 -2.26
N SER A 280 1.19 15.94 -3.43
CA SER A 280 2.23 14.95 -3.72
C SER A 280 2.82 15.33 -5.07
N ALA A 281 4.09 15.10 -5.29
CA ALA A 281 4.71 15.34 -6.56
C ALA A 281 5.90 14.44 -6.80
N GLY A 282 6.24 14.26 -8.06
CA GLY A 282 7.38 13.50 -8.49
C GLY A 282 8.54 14.36 -8.97
N VAL A 283 9.75 13.85 -8.81
CA VAL A 283 10.96 14.52 -9.26
C VAL A 283 11.92 13.46 -9.78
N ASP A 284 12.98 13.89 -10.43
CA ASP A 284 13.97 12.97 -10.93
C ASP A 284 14.47 12.13 -9.74
N PRO A 285 14.51 10.81 -9.85
CA PRO A 285 14.92 10.00 -8.70
C PRO A 285 16.32 10.36 -8.19
N ALA A 286 17.21 10.77 -9.09
CA ALA A 286 18.59 11.09 -8.73
C ALA A 286 18.68 12.24 -7.73
N ILE A 287 17.65 13.08 -7.69
CA ILE A 287 17.57 14.16 -6.71
C ILE A 287 16.25 14.13 -5.93
N MET A 288 15.92 12.95 -5.41
CA MET A 288 14.64 12.71 -4.76
C MET A 288 14.47 13.63 -3.57
N GLY A 289 15.58 14.01 -2.95
CA GLY A 289 15.58 14.84 -1.78
C GLY A 289 14.89 16.18 -2.03
N TYR A 290 14.72 16.52 -3.31
CA TYR A 290 14.09 17.82 -3.63
C TYR A 290 12.57 17.76 -3.81
N GLY A 291 12.00 16.54 -3.76
CA GLY A 291 10.56 16.33 -3.83
C GLY A 291 9.69 17.33 -3.06
N PRO A 292 10.02 17.63 -1.79
CA PRO A 292 9.24 18.57 -0.98
C PRO A 292 9.08 19.96 -1.59
N PHE A 293 10.04 20.41 -2.42
CA PHE A 293 9.86 21.69 -3.09
C PHE A 293 8.54 21.73 -3.85
N TYR A 294 8.35 20.78 -4.76
CA TYR A 294 7.13 20.73 -5.58
C TYR A 294 5.86 20.38 -4.82
N ALA A 295 5.95 19.45 -3.87
CA ALA A 295 4.80 19.05 -3.05
C ALA A 295 4.29 20.21 -2.18
N THR A 296 5.22 20.94 -1.62
CA THR A 296 4.88 22.10 -0.77
C THR A 296 4.27 23.18 -1.61
N LYS A 297 4.86 23.46 -2.77
CA LYS A 297 4.26 24.46 -3.65
C LYS A 297 2.83 24.13 -4.08
N ALA A 298 2.59 22.88 -4.40
CA ALA A 298 1.25 22.40 -4.77
C ALA A 298 0.25 22.53 -3.62
N ALA A 299 0.64 22.11 -2.43
CA ALA A 299 -0.27 22.14 -1.34
C ALA A 299 -0.60 23.62 -1.00
N ILE A 300 0.42 24.49 -1.00
CA ILE A 300 0.26 25.88 -0.62
C ILE A 300 -0.68 26.60 -1.58
N GLU A 301 -0.50 26.34 -2.86
CA GLU A 301 -1.36 26.90 -3.87
C GLU A 301 -2.79 26.45 -3.68
N LYS A 302 -2.97 25.18 -3.37
CA LYS A 302 -4.28 24.62 -3.17
C LYS A 302 -4.99 25.27 -2.01
N ALA A 303 -4.25 25.56 -0.97
CA ALA A 303 -4.75 26.21 0.22
C ALA A 303 -5.02 27.71 0.08
N GLY A 304 -4.48 28.32 -0.96
CA GLY A 304 -4.47 29.76 -1.06
C GLY A 304 -3.66 30.43 0.04
N TRP A 305 -2.58 29.80 0.44
CA TRP A 305 -1.62 30.35 1.37
C TRP A 305 -0.33 30.82 0.69
N THR A 306 0.61 31.27 1.49
CA THR A 306 2.00 31.51 1.08
C THR A 306 2.93 30.89 2.12
N VAL A 307 4.18 30.68 1.75
CA VAL A 307 5.14 30.15 2.73
C VAL A 307 5.29 31.11 3.91
N ASP A 308 5.31 32.40 3.64
CA ASP A 308 5.45 33.44 4.70
C ASP A 308 4.36 33.38 5.77
N GLU A 309 3.21 32.83 5.43
CA GLU A 309 2.11 32.76 6.38
C GLU A 309 2.36 31.64 7.38
N LEU A 310 3.26 30.69 7.06
CA LEU A 310 3.41 29.54 7.95
C LEU A 310 3.98 29.91 9.31
N ASP A 311 3.46 29.36 10.40
CA ASP A 311 4.02 29.58 11.71
C ASP A 311 5.01 28.51 12.13
N LEU A 312 4.77 27.26 11.71
CA LEU A 312 5.70 26.18 12.09
C LEU A 312 5.80 25.25 10.88
N ILE A 313 6.99 24.67 10.69
CA ILE A 313 7.25 23.81 9.57
C ILE A 313 8.00 22.58 10.07
N GLU A 314 7.55 21.39 9.69
CA GLU A 314 8.33 20.14 9.87
C GLU A 314 8.72 19.70 8.46
N SER A 315 10.00 19.82 8.14
CA SER A 315 10.54 19.40 6.84
C SER A 315 11.50 18.28 7.19
N ASN A 316 11.13 17.03 6.90
CA ASN A 316 11.90 15.89 7.37
C ASN A 316 13.36 15.93 6.90
N GLU A 317 14.28 15.69 7.81
CA GLU A 317 15.71 15.74 7.53
C GLU A 317 16.25 14.37 7.14
N ALA A 318 15.89 13.90 5.98
CA ALA A 318 16.51 12.69 5.46
C ALA A 318 18.02 12.83 5.39
N PHE A 319 18.48 13.95 4.86
CA PHE A 319 19.93 14.27 4.81
C PHE A 319 20.04 15.78 4.90
N ALA A 320 21.01 16.26 5.64
CA ALA A 320 21.23 17.72 5.64
C ALA A 320 21.25 18.35 4.25
N ALA A 321 21.94 17.70 3.35
CA ALA A 321 22.06 18.23 2.01
C ALA A 321 20.73 18.55 1.38
N GLN A 322 19.81 17.60 1.47
CA GLN A 322 18.50 17.83 0.83
C GLN A 322 17.64 18.79 1.64
N SER A 323 17.69 18.72 2.98
CA SER A 323 16.92 19.65 3.79
C SER A 323 17.35 21.11 3.46
N LEU A 324 18.64 21.33 3.41
CA LEU A 324 19.19 22.67 3.04
C LEU A 324 18.73 23.19 1.63
N ALA A 325 18.75 22.33 0.65
CA ALA A 325 18.32 22.68 -0.71
C ALA A 325 16.87 23.10 -0.72
N VAL A 326 16.05 22.31 -0.03
CA VAL A 326 14.62 22.59 0.03
C VAL A 326 14.35 23.90 0.77
N ALA A 327 15.04 24.13 1.87
CA ALA A 327 14.83 25.33 2.70
C ALA A 327 15.23 26.57 2.00
N LYS A 328 16.33 26.45 1.30
CA LYS A 328 16.87 27.56 0.52
C LYS A 328 15.89 27.94 -0.58
N ASP A 329 15.44 26.97 -1.36
CA ASP A 329 14.57 27.30 -2.49
C ASP A 329 13.17 27.65 -2.13
N LEU A 330 12.63 27.14 -1.02
CA LEU A 330 11.34 27.58 -0.50
C LEU A 330 11.40 28.82 0.40
N LYS A 331 12.60 29.27 0.73
CA LYS A 331 12.87 30.47 1.52
C LYS A 331 12.27 30.39 2.91
N PHE A 332 12.42 29.23 3.54
CA PHE A 332 11.94 29.07 4.90
C PHE A 332 12.70 30.01 5.84
N ASP A 333 11.97 30.54 6.82
CA ASP A 333 12.59 31.10 8.00
C ASP A 333 13.02 29.92 8.89
N MET A 334 14.34 29.70 9.01
CA MET A 334 14.87 28.49 9.62
C MET A 334 14.53 28.49 11.11
N ASN A 335 14.19 29.64 11.70
CA ASN A 335 13.72 29.61 13.10
C ASN A 335 12.35 28.92 13.28
N LYS A 336 11.58 28.79 12.23
CA LYS A 336 10.27 28.11 12.33
C LYS A 336 10.33 26.67 11.90
N VAL A 337 11.50 26.18 11.49
CA VAL A 337 11.62 24.83 10.95
C VAL A 337 12.18 23.84 11.96
N ASN A 338 11.45 22.70 12.12
CA ASN A 338 11.87 21.59 13.02
C ASN A 338 12.32 22.14 14.37
N VAL A 339 11.43 22.88 14.99
CA VAL A 339 11.78 23.57 16.22
C VAL A 339 12.16 22.65 17.36
N ASN A 340 11.67 21.39 17.35
CA ASN A 340 12.06 20.41 18.35
C ASN A 340 13.17 19.46 17.88
N GLY A 341 13.89 19.82 16.82
CA GLY A 341 14.87 18.92 16.21
C GLY A 341 14.28 18.13 15.08
N GLY A 342 15.12 17.52 14.28
CA GLY A 342 14.64 16.71 13.15
C GLY A 342 15.29 15.38 13.09
N ALA A 343 15.09 14.71 11.97
CA ALA A 343 15.41 13.30 11.82
C ALA A 343 16.89 13.00 11.86
N ILE A 344 17.79 13.96 11.59
CA ILE A 344 19.20 13.73 11.78
C ILE A 344 19.42 13.35 13.24
N ALA A 345 18.77 14.04 14.16
CA ALA A 345 18.93 13.72 15.56
C ALA A 345 17.98 12.59 16.01
N LEU A 346 16.73 12.68 15.59
CA LEU A 346 15.67 11.85 16.09
C LEU A 346 15.49 10.49 15.41
N GLY A 347 15.93 10.37 14.15
CA GLY A 347 15.85 9.17 13.37
C GLY A 347 14.79 9.21 12.28
N HIS A 348 14.90 8.26 11.38
CA HIS A 348 14.05 8.19 10.21
C HIS A 348 13.44 6.80 10.00
N PRO A 349 12.36 6.48 10.72
CA PRO A 349 11.73 5.16 10.59
C PRO A 349 10.73 5.14 9.44
N ILE A 350 11.19 4.66 8.30
CA ILE A 350 10.77 5.15 7.02
C ILE A 350 9.26 5.18 6.87
N GLY A 351 8.59 4.08 7.15
CA GLY A 351 7.15 4.01 7.00
C GLY A 351 6.36 4.91 7.93
N ALA A 352 6.95 5.13 9.09
CA ALA A 352 6.34 5.90 10.16
C ALA A 352 6.65 7.38 10.09
N SER A 353 7.72 7.69 9.37
CA SER A 353 8.37 8.97 9.47
C SER A 353 7.49 10.15 9.11
N GLY A 354 6.70 9.99 8.06
CA GLY A 354 5.79 11.03 7.66
C GLY A 354 4.73 11.30 8.70
N ALA A 355 4.22 10.24 9.30
CA ALA A 355 3.25 10.38 10.35
C ALA A 355 3.91 10.97 11.58
N ARG A 356 5.15 10.57 11.86
CA ARG A 356 5.87 11.05 13.04
C ARG A 356 6.03 12.59 12.99
N ILE A 357 6.44 13.12 11.84
CA ILE A 357 6.56 14.57 11.73
C ILE A 357 5.25 15.30 11.89
N LEU A 358 4.16 14.71 11.48
CA LEU A 358 2.85 15.36 11.59
C LEU A 358 2.39 15.37 13.07
N VAL A 359 2.66 14.29 13.79
CA VAL A 359 2.42 14.19 15.22
C VAL A 359 3.17 15.26 15.94
N THR A 360 4.43 15.35 15.61
CA THR A 360 5.30 16.38 16.18
C THR A 360 4.82 17.78 15.83
N LEU A 361 4.45 18.04 14.59
CA LEU A 361 3.91 19.34 14.19
C LEU A 361 2.63 19.71 14.96
N VAL A 362 1.66 18.80 15.03
CA VAL A 362 0.39 19.18 15.64
C VAL A 362 0.56 19.44 17.18
N HIS A 363 1.39 18.66 17.88
CA HIS A 363 1.64 18.94 19.29
C HIS A 363 2.40 20.23 19.49
N ALA A 364 3.37 20.51 18.62
CA ALA A 364 4.11 21.78 18.68
C ALA A 364 3.18 22.97 18.44
N MET A 365 2.28 22.83 17.50
CA MET A 365 1.29 23.93 17.22
C MET A 365 0.41 24.23 18.47
N GLN A 366 -0.11 23.20 19.11
CA GLN A 366 -0.88 23.34 20.33
C GLN A 366 -0.03 24.04 21.38
N LYS A 367 1.13 23.53 21.67
CA LYS A 367 2.00 24.12 22.74
C LYS A 367 2.45 25.54 22.49
N ARG A 368 2.70 25.90 21.26
CA ARG A 368 3.17 27.20 20.94
C ARG A 368 2.08 28.12 20.45
N ASP A 369 0.83 27.69 20.45
CA ASP A 369 -0.26 28.43 19.83
C ASP A 369 0.05 28.98 18.44
N ALA A 370 0.44 28.12 17.52
CA ALA A 370 0.83 28.51 16.19
C ALA A 370 -0.39 28.25 15.32
N LYS A 371 -0.72 29.11 14.38
CA LYS A 371 -1.96 28.91 13.68
C LYS A 371 -1.85 28.05 12.46
N LYS A 372 -0.76 28.23 11.70
CA LYS A 372 -0.59 27.57 10.39
C LYS A 372 0.69 26.74 10.38
N GLY A 373 0.55 25.48 9.98
CA GLY A 373 1.67 24.59 9.93
C GLY A 373 1.78 23.77 8.68
N LEU A 374 3.03 23.34 8.35
CA LEU A 374 3.31 22.58 7.13
C LEU A 374 4.09 21.36 7.61
N ALA A 375 3.73 20.17 7.15
CA ALA A 375 4.65 19.03 7.21
C ALA A 375 4.91 18.53 5.82
N THR A 376 6.18 18.24 5.51
CA THR A 376 6.53 17.77 4.18
C THR A 376 7.81 16.95 4.25
N LEU A 377 7.94 15.98 3.36
CA LEU A 377 9.14 15.17 3.31
C LEU A 377 9.44 14.57 1.95
N SER A 378 10.71 14.30 1.71
CA SER A 378 11.20 13.66 0.49
C SER A 378 10.88 12.17 0.49
N ILE A 379 10.82 11.59 -0.71
CA ILE A 379 10.49 10.21 -0.86
C ILE A 379 11.43 9.46 -1.81
N GLY A 380 12.04 8.38 -1.35
CA GLY A 380 12.88 7.58 -2.23
C GLY A 380 12.13 7.13 -3.47
N GLY A 381 12.79 7.20 -4.62
CA GLY A 381 12.17 7.03 -5.90
C GLY A 381 11.75 8.29 -6.60
N GLY A 382 12.03 9.42 -5.95
CA GLY A 382 11.76 10.70 -6.54
C GLY A 382 10.36 11.25 -6.34
N GLN A 383 9.93 11.36 -5.09
CA GLN A 383 8.66 12.01 -4.79
C GLN A 383 8.74 12.90 -3.55
N GLY A 384 7.70 13.70 -3.36
CA GLY A 384 7.49 14.44 -2.15
C GLY A 384 6.01 14.47 -1.78
N THR A 385 5.73 14.61 -0.51
CA THR A 385 4.32 14.79 -0.10
C THR A 385 4.24 15.83 1.01
N ALA A 386 3.11 16.53 1.15
CA ALA A 386 3.05 17.65 2.12
C ALA A 386 1.57 17.75 2.61
N ILE A 387 1.38 18.24 3.82
CA ILE A 387 0.08 18.48 4.36
C ILE A 387 0.19 19.84 5.10
N LEU A 388 -0.87 20.66 4.96
CA LEU A 388 -0.99 21.94 5.67
C LEU A 388 -2.10 21.77 6.71
N LEU A 389 -1.83 22.31 7.90
CA LEU A 389 -2.72 22.21 9.05
C LEU A 389 -3.03 23.64 9.53
N GLU A 390 -4.25 23.85 10.03
CA GLU A 390 -4.57 25.11 10.70
C GLU A 390 -5.12 24.83 12.07
N LYS A 391 -4.69 25.58 13.07
CA LYS A 391 -5.24 25.35 14.43
C LYS A 391 -6.74 25.64 14.47
N CYS A 392 -7.48 24.80 15.16
CA CYS A 392 -8.95 24.87 15.06
C CYS A 392 -9.60 26.20 15.58
N MET B 1 -21.26 15.33 -6.28
CA MET B 1 -19.87 14.91 -6.57
C MET B 1 -19.72 14.47 -8.02
N LYS B 2 -18.49 14.55 -8.50
CA LYS B 2 -18.18 14.14 -9.85
C LYS B 2 -18.55 12.68 -10.10
N GLU B 3 -19.02 12.41 -11.31
CA GLU B 3 -19.15 11.06 -11.83
C GLU B 3 -17.78 10.51 -12.21
N VAL B 4 -17.62 9.21 -12.04
CA VAL B 4 -16.32 8.55 -12.27
C VAL B 4 -16.56 7.43 -13.27
N VAL B 5 -15.69 7.36 -14.27
CA VAL B 5 -15.75 6.39 -15.34
C VAL B 5 -14.43 5.62 -15.54
N ILE B 6 -14.58 4.49 -16.16
CA ILE B 6 -13.45 3.69 -16.61
C ILE B 6 -13.24 3.95 -18.07
N ALA B 7 -12.07 4.47 -18.40
CA ALA B 7 -11.77 4.79 -19.80
C ALA B 7 -11.06 3.66 -20.57
N SER B 8 -10.37 2.79 -19.85
CA SER B 8 -9.75 1.61 -20.45
C SER B 8 -9.50 0.54 -19.41
N ALA B 9 -9.37 -0.69 -19.87
CA ALA B 9 -9.14 -1.80 -18.98
C ALA B 9 -8.38 -2.90 -19.69
N VAL B 10 -7.19 -3.19 -19.22
CA VAL B 10 -6.30 -4.13 -19.87
C VAL B 10 -5.62 -5.05 -18.86
N ARG B 11 -5.28 -6.24 -19.30
CA ARG B 11 -4.52 -7.16 -18.47
C ARG B 11 -3.56 -7.95 -19.29
N THR B 12 -2.53 -8.43 -18.64
CA THR B 12 -1.70 -9.43 -19.25
C THR B 12 -2.47 -10.73 -19.16
N ALA B 13 -2.03 -11.70 -19.94
CA ALA B 13 -2.38 -13.08 -19.69
C ALA B 13 -2.00 -13.44 -18.26
N ILE B 14 -2.70 -14.45 -17.76
CA ILE B 14 -2.42 -15.01 -16.41
C ILE B 14 -1.53 -16.23 -16.58
N GLY B 15 -0.29 -16.13 -16.13
CA GLY B 15 0.64 -17.21 -16.20
C GLY B 15 0.51 -18.14 -15.02
N SER B 16 0.89 -19.40 -15.23
CA SER B 16 0.94 -20.42 -14.20
C SER B 16 2.25 -20.42 -13.45
N TYR B 17 2.17 -20.91 -12.24
CA TYR B 17 3.26 -20.88 -11.30
C TYR B 17 4.50 -21.63 -11.83
N GLY B 18 5.58 -20.87 -11.93
CA GLY B 18 6.83 -21.38 -12.42
C GLY B 18 6.88 -21.56 -13.92
N LYS B 19 5.93 -20.98 -14.63
CA LYS B 19 5.83 -21.21 -16.06
C LYS B 19 6.02 -19.97 -16.96
N SER B 20 5.01 -19.58 -17.70
CA SER B 20 5.19 -18.66 -18.83
C SER B 20 5.75 -17.27 -18.52
N LEU B 21 5.39 -16.72 -17.37
CA LEU B 21 5.78 -15.36 -16.95
C LEU B 21 6.78 -15.45 -15.79
N LYS B 22 7.37 -16.62 -15.58
CA LYS B 22 8.36 -16.77 -14.50
C LYS B 22 9.53 -15.80 -14.55
N ASP B 23 9.93 -15.38 -15.75
CA ASP B 23 11.07 -14.47 -15.94
C ASP B 23 10.71 -13.03 -16.05
N VAL B 24 9.41 -12.66 -15.84
CA VAL B 24 8.95 -11.28 -15.99
C VAL B 24 8.53 -10.70 -14.65
N PRO B 25 9.37 -9.84 -14.06
CA PRO B 25 9.02 -9.25 -12.78
C PRO B 25 7.64 -8.62 -12.81
N ALA B 26 6.96 -8.62 -11.67
CA ALA B 26 5.72 -7.91 -11.50
C ALA B 26 5.73 -6.49 -12.05
N VAL B 27 6.76 -5.71 -11.73
CA VAL B 27 6.77 -4.32 -12.18
C VAL B 27 6.83 -4.22 -13.70
N ASP B 28 7.39 -5.24 -14.38
CA ASP B 28 7.39 -5.26 -15.85
C ASP B 28 6.11 -5.65 -16.45
N LEU B 29 5.41 -6.59 -15.81
CA LEU B 29 4.04 -6.88 -16.23
C LEU B 29 3.18 -5.60 -16.07
N GLY B 30 3.32 -4.94 -14.92
CA GLY B 30 2.60 -3.71 -14.65
C GLY B 30 2.87 -2.67 -15.71
N ALA B 31 4.15 -2.44 -16.03
CA ALA B 31 4.54 -1.44 -17.04
C ALA B 31 3.88 -1.77 -18.38
N THR B 32 3.91 -3.04 -18.76
CA THR B 32 3.28 -3.48 -20.00
C THR B 32 1.79 -3.12 -20.08
N ALA B 33 1.08 -3.41 -19.00
CA ALA B 33 -0.35 -3.11 -18.91
C ALA B 33 -0.63 -1.62 -18.85
N ILE B 34 0.20 -0.89 -18.12
CA ILE B 34 0.04 0.57 -18.01
C ILE B 34 0.14 1.23 -19.40
N LYS B 35 1.14 0.87 -20.15
CA LYS B 35 1.35 1.48 -21.48
C LYS B 35 0.21 1.25 -22.40
N GLU B 36 -0.27 0.00 -22.45
CA GLU B 36 -1.43 -0.33 -23.25
C GLU B 36 -2.74 0.32 -22.72
N ALA B 37 -2.94 0.40 -21.41
CA ALA B 37 -4.15 1.09 -20.88
C ALA B 37 -4.17 2.57 -21.31
N VAL B 38 -3.04 3.26 -21.21
CA VAL B 38 -3.00 4.66 -21.58
C VAL B 38 -3.31 4.84 -23.09
N LYS B 39 -2.73 3.97 -23.88
N LYS B 39 -2.77 3.95 -23.90
CA LYS B 39 -3.00 3.94 -25.35
CA LYS B 39 -3.04 3.95 -25.32
C LYS B 39 -4.48 3.70 -25.65
C LYS B 39 -4.50 3.68 -25.69
N LYS B 40 -5.08 2.70 -25.02
CA LYS B 40 -6.47 2.35 -25.31
C LYS B 40 -7.35 3.44 -24.87
N ALA B 41 -6.96 4.18 -23.82
CA ALA B 41 -7.84 5.21 -23.29
C ALA B 41 -7.84 6.42 -24.24
N GLY B 42 -6.77 6.55 -25.01
CA GLY B 42 -6.65 7.65 -25.93
C GLY B 42 -6.19 8.91 -25.24
N ILE B 43 -5.38 8.81 -24.19
CA ILE B 43 -4.96 10.02 -23.50
C ILE B 43 -3.46 10.12 -23.57
N LYS B 44 -2.94 11.25 -23.18
CA LYS B 44 -1.52 11.40 -23.04
C LYS B 44 -1.08 11.02 -21.64
N PRO B 45 0.09 10.39 -21.53
CA PRO B 45 0.64 10.18 -20.22
C PRO B 45 0.72 11.39 -19.36
N GLU B 46 0.96 12.56 -19.94
CA GLU B 46 0.97 13.76 -19.10
C GLU B 46 -0.39 14.19 -18.58
N ASP B 47 -1.50 13.60 -19.03
CA ASP B 47 -2.85 13.88 -18.44
C ASP B 47 -3.05 13.06 -17.10
N VAL B 48 -2.15 12.14 -16.78
CA VAL B 48 -2.35 11.25 -15.63
C VAL B 48 -1.91 11.96 -14.35
N ASN B 49 -2.73 11.95 -13.30
CA ASN B 49 -2.42 12.72 -12.08
C ASN B 49 -1.71 11.84 -10.97
N GLU B 50 -1.99 10.54 -10.95
CA GLU B 50 -1.45 9.60 -9.94
C GLU B 50 -1.53 8.16 -10.45
N VAL B 51 -0.65 7.31 -9.93
CA VAL B 51 -0.63 5.90 -10.19
C VAL B 51 -0.84 5.20 -8.83
N ILE B 52 -1.82 4.32 -8.72
CA ILE B 52 -2.15 3.60 -7.50
C ILE B 52 -2.32 2.13 -7.84
N LEU B 53 -1.34 1.33 -7.48
CA LEU B 53 -1.33 -0.07 -7.88
C LEU B 53 -1.23 -1.05 -6.70
N GLY B 54 -2.02 -2.10 -6.75
CA GLY B 54 -1.90 -3.19 -5.81
C GLY B 54 -0.75 -4.15 -6.04
N ASN B 55 -0.07 -4.52 -4.99
CA ASN B 55 0.96 -5.54 -5.05
C ASN B 55 1.16 -6.13 -3.64
N VAL B 56 1.10 -7.44 -3.50
CA VAL B 56 1.12 -8.04 -2.18
C VAL B 56 2.49 -8.58 -1.79
N LEU B 57 3.13 -9.30 -2.70
CA LEU B 57 4.45 -9.89 -2.43
C LEU B 57 5.57 -8.92 -2.79
N GLN B 58 5.75 -7.92 -1.97
CA GLN B 58 6.64 -6.81 -2.25
C GLN B 58 8.08 -7.12 -1.93
N ALA B 59 8.33 -8.19 -1.20
CA ALA B 59 9.66 -8.53 -0.70
C ALA B 59 10.75 -8.60 -1.76
N GLY B 60 11.78 -7.75 -1.59
CA GLY B 60 12.86 -7.59 -2.51
C GLY B 60 12.58 -6.98 -3.89
N LEU B 61 11.37 -6.45 -4.12
CA LEU B 61 11.05 -5.85 -5.41
C LEU B 61 11.65 -4.42 -5.62
N GLY B 62 12.24 -3.86 -4.57
CA GLY B 62 12.81 -2.52 -4.55
C GLY B 62 11.81 -1.47 -4.13
N GLN B 63 12.24 -0.22 -4.04
CA GLN B 63 11.40 0.82 -3.51
C GLN B 63 10.13 0.97 -4.35
N ASN B 64 8.99 1.01 -3.68
CA ASN B 64 7.75 1.47 -4.31
C ASN B 64 7.41 0.83 -5.65
N PRO B 65 6.94 -0.41 -5.64
CA PRO B 65 6.76 -1.11 -6.91
C PRO B 65 5.84 -0.35 -7.88
N ALA B 66 4.80 0.32 -7.40
CA ALA B 66 3.95 1.09 -8.31
C ALA B 66 4.77 2.15 -9.06
N ARG B 67 5.67 2.83 -8.38
CA ARG B 67 6.49 3.81 -9.05
C ARG B 67 7.40 3.21 -10.08
N GLN B 68 7.92 2.03 -9.79
CA GLN B 68 8.74 1.38 -10.77
C GLN B 68 7.99 1.02 -12.03
N ALA B 69 6.78 0.50 -11.86
CA ALA B 69 5.94 0.17 -13.04
C ALA B 69 5.63 1.43 -13.86
N SER B 70 5.35 2.50 -13.16
CA SER B 70 5.00 3.82 -13.75
C SER B 70 6.21 4.32 -14.59
N PHE B 71 7.38 4.26 -13.98
CA PHE B 71 8.63 4.67 -14.60
C PHE B 71 8.95 3.81 -15.82
N LYS B 72 8.86 2.50 -15.69
CA LYS B 72 9.15 1.59 -16.79
C LYS B 72 8.10 1.66 -17.89
N ALA B 73 6.89 2.12 -17.60
CA ALA B 73 5.93 2.41 -18.65
C ALA B 73 6.22 3.65 -19.49
N GLY B 74 7.14 4.51 -19.06
CA GLY B 74 7.40 5.76 -19.73
C GLY B 74 6.56 6.90 -19.23
N LEU B 75 5.78 6.73 -18.14
CA LEU B 75 5.05 7.83 -17.62
C LEU B 75 6.06 8.85 -17.09
N PRO B 76 5.72 10.14 -17.16
CA PRO B 76 6.65 11.17 -16.70
C PRO B 76 6.92 11.04 -15.24
N VAL B 77 8.13 11.38 -14.83
CA VAL B 77 8.53 11.27 -13.40
C VAL B 77 7.80 12.20 -12.47
N GLU B 78 7.16 13.24 -13.02
CA GLU B 78 6.41 14.16 -12.20
C GLU B 78 5.15 13.54 -11.58
N ILE B 79 4.70 12.43 -12.11
CA ILE B 79 3.46 11.75 -11.62
C ILE B 79 3.77 10.95 -10.35
N PRO B 80 3.00 11.21 -9.31
CA PRO B 80 3.25 10.45 -8.11
C PRO B 80 2.64 9.05 -8.15
N ALA B 81 3.18 8.14 -7.34
CA ALA B 81 2.75 6.76 -7.33
C ALA B 81 2.76 6.15 -5.95
N MET B 82 1.88 5.20 -5.71
CA MET B 82 1.95 4.44 -4.47
C MET B 82 1.37 3.05 -4.64
N THR B 83 1.86 2.16 -3.75
CA THR B 83 1.57 0.75 -3.78
C THR B 83 0.63 0.38 -2.64
N ILE B 84 -0.44 -0.33 -2.94
CA ILE B 84 -1.46 -0.70 -1.98
C ILE B 84 -1.42 -2.20 -1.68
N ASN B 85 -1.51 -2.56 -0.40
CA ASN B 85 -1.61 -3.93 -0.04
C ASN B 85 -2.82 -4.16 0.85
N LYS B 86 -3.84 -4.75 0.26
CA LYS B 86 -5.05 -5.24 0.91
C LYS B 86 -5.20 -6.72 0.49
N VAL B 87 -4.07 -7.41 0.39
CA VAL B 87 -4.04 -8.81 -0.01
C VAL B 87 -4.83 -9.01 -1.31
N CYS B 88 -5.74 -9.97 -1.32
CA CYS B 88 -6.46 -10.28 -2.55
C CYS B 88 -7.23 -9.09 -3.09
N GLY B 89 -7.67 -8.19 -2.25
CA GLY B 89 -8.47 -7.10 -2.80
C GLY B 89 -7.69 -5.89 -3.29
N SER B 90 -6.36 -5.97 -3.27
CA SER B 90 -5.50 -4.80 -3.49
C SER B 90 -5.88 -4.17 -4.84
N GLY B 91 -5.95 -5.00 -5.87
CA GLY B 91 -6.13 -4.56 -7.26
C GLY B 91 -7.51 -3.92 -7.48
N LEU B 92 -8.53 -4.45 -6.82
CA LEU B 92 -9.86 -3.81 -6.87
C LEU B 92 -9.95 -2.55 -6.04
N ARG B 93 -9.38 -2.56 -4.82
CA ARG B 93 -9.44 -1.39 -3.97
C ARG B 93 -8.77 -0.17 -4.53
N THR B 94 -7.73 -0.34 -5.36
CA THR B 94 -7.07 0.82 -6.00
C THR B 94 -8.06 1.55 -6.92
N VAL B 95 -8.99 0.83 -7.54
CA VAL B 95 -10.00 1.46 -8.40
C VAL B 95 -10.99 2.28 -7.58
N SER B 96 -11.45 1.80 -6.46
CA SER B 96 -12.38 2.60 -5.67
C SER B 96 -11.67 3.70 -4.94
N LEU B 97 -10.40 3.50 -4.61
CA LEU B 97 -9.61 4.56 -4.06
C LEU B 97 -9.47 5.72 -5.08
N ALA B 98 -9.23 5.37 -6.35
CA ALA B 98 -9.17 6.36 -7.47
C ALA B 98 -10.47 7.12 -7.56
N ALA B 99 -11.57 6.42 -7.44
CA ALA B 99 -12.90 7.05 -7.53
C ALA B 99 -13.06 8.00 -6.37
N GLN B 100 -12.59 7.60 -5.17
CA GLN B 100 -12.63 8.49 -3.99
C GLN B 100 -11.82 9.75 -4.12
N ILE B 101 -10.61 9.61 -4.62
CA ILE B 101 -9.73 10.77 -4.83
C ILE B 101 -10.38 11.76 -5.87
N ILE B 102 -10.97 11.19 -6.91
CA ILE B 102 -11.62 12.02 -7.96
C ILE B 102 -12.83 12.76 -7.37
N LYS B 103 -13.64 12.04 -6.60
CA LYS B 103 -14.80 12.58 -5.91
C LYS B 103 -14.40 13.62 -4.91
N ALA B 104 -13.22 13.48 -4.28
CA ALA B 104 -12.71 14.45 -3.40
C ALA B 104 -12.32 15.77 -4.06
N GLY B 105 -12.20 15.80 -5.39
CA GLY B 105 -11.77 16.98 -6.13
C GLY B 105 -10.30 17.07 -6.36
N ASP B 106 -9.54 16.00 -6.11
CA ASP B 106 -8.08 16.09 -6.14
C ASP B 106 -7.41 15.58 -7.35
N ALA B 107 -8.13 14.88 -8.22
CA ALA B 107 -7.54 14.43 -9.46
C ALA B 107 -8.62 14.25 -10.45
N ASP B 108 -8.24 14.17 -11.72
CA ASP B 108 -9.16 13.83 -12.79
C ASP B 108 -8.83 12.55 -13.52
N VAL B 109 -7.57 12.08 -13.48
CA VAL B 109 -7.17 10.92 -14.23
C VAL B 109 -6.17 10.11 -13.35
N ILE B 110 -6.51 8.85 -13.10
CA ILE B 110 -5.72 7.97 -12.22
C ILE B 110 -5.55 6.64 -12.91
N ILE B 111 -4.32 6.15 -12.90
CA ILE B 111 -4.05 4.75 -13.32
C ILE B 111 -4.16 3.86 -12.07
N ALA B 112 -4.97 2.79 -12.16
CA ALA B 112 -5.23 1.95 -11.04
C ALA B 112 -5.17 0.51 -11.51
N GLY B 113 -5.17 -0.42 -10.56
CA GLY B 113 -5.13 -1.87 -10.85
C GLY B 113 -4.15 -2.56 -9.89
N GLY B 114 -3.49 -3.58 -10.40
CA GLY B 114 -2.58 -4.41 -9.59
C GLY B 114 -1.69 -5.29 -10.42
N MET B 115 -0.70 -5.89 -9.74
CA MET B 115 0.32 -6.66 -10.42
C MET B 115 0.86 -7.64 -9.43
N GLU B 116 1.17 -8.82 -9.90
CA GLU B 116 1.76 -9.81 -9.00
C GLU B 116 2.54 -10.85 -9.80
N ASN B 117 3.67 -11.26 -9.25
CA ASN B 117 4.35 -12.40 -9.78
C ASN B 117 4.69 -13.32 -8.62
N MET B 118 3.83 -14.34 -8.47
CA MET B 118 3.94 -15.29 -7.39
C MET B 118 5.09 -16.27 -7.66
N SER B 119 5.37 -16.60 -8.94
CA SER B 119 6.53 -17.41 -9.29
C SER B 119 7.89 -16.90 -8.77
N ARG B 120 8.01 -15.59 -8.72
CA ARG B 120 9.23 -14.92 -8.30
C ARG B 120 9.43 -14.59 -6.82
N ALA B 121 8.47 -14.93 -5.96
CA ALA B 121 8.59 -14.65 -4.53
C ALA B 121 9.85 -15.28 -3.91
N PRO B 122 10.52 -14.55 -3.02
CA PRO B 122 11.74 -15.02 -2.44
C PRO B 122 11.45 -15.99 -1.27
N TYR B 123 12.52 -16.59 -0.77
CA TYR B 123 12.59 -17.12 0.59
C TYR B 123 13.28 -16.13 1.53
N LEU B 124 12.93 -16.18 2.82
CA LEU B 124 13.43 -15.20 3.81
C LEU B 124 14.14 -15.85 4.98
N ALA B 125 15.14 -15.14 5.48
CA ALA B 125 15.76 -15.49 6.73
C ALA B 125 15.51 -14.32 7.69
N ASN B 126 14.56 -14.51 8.59
CA ASN B 126 14.15 -13.42 9.48
C ASN B 126 15.11 -12.96 10.52
N ASN B 127 16.08 -13.80 10.89
CA ASN B 127 17.01 -13.40 11.95
C ASN B 127 18.44 -13.33 11.49
N ALA B 128 18.66 -13.14 10.18
CA ALA B 128 19.99 -13.08 9.67
C ALA B 128 20.70 -11.76 10.09
N ARG B 129 19.93 -10.70 10.29
CA ARG B 129 20.53 -9.41 10.58
C ARG B 129 21.30 -9.35 11.91
N TRP B 130 20.67 -9.84 12.97
CA TRP B 130 21.30 -9.81 14.31
C TRP B 130 21.71 -11.18 14.82
N GLY B 131 21.36 -12.23 14.09
CA GLY B 131 21.82 -13.62 14.35
C GLY B 131 20.81 -14.57 14.94
N TYR B 132 20.89 -15.82 14.49
CA TYR B 132 20.14 -16.96 15.02
C TYR B 132 20.65 -17.50 16.38
N ARG B 133 21.92 -17.28 16.62
CA ARG B 133 22.68 -17.73 17.79
C ARG B 133 22.93 -19.22 17.84
N MET B 134 21.87 -20.01 17.87
CA MET B 134 21.95 -21.46 17.87
C MET B 134 20.63 -22.12 17.47
N GLY B 135 20.69 -23.28 16.85
CA GLY B 135 19.50 -24.09 16.61
C GLY B 135 18.92 -23.86 15.22
N ASN B 136 18.23 -24.87 14.68
CA ASN B 136 17.64 -24.71 13.37
C ASN B 136 16.52 -23.66 13.42
N ALA B 137 16.26 -23.06 12.29
CA ALA B 137 15.24 -22.10 12.18
C ALA B 137 14.45 -22.28 10.92
N LYS B 138 13.54 -21.37 10.63
CA LYS B 138 12.69 -21.51 9.46
C LYS B 138 13.29 -20.76 8.28
N PHE B 139 13.35 -21.40 7.12
CA PHE B 139 13.67 -20.72 5.87
C PHE B 139 12.30 -20.46 5.24
N VAL B 140 11.87 -19.22 5.28
CA VAL B 140 10.47 -18.86 5.12
C VAL B 140 10.07 -18.59 3.65
N ASP B 141 9.01 -19.25 3.22
CA ASP B 141 8.45 -19.01 1.90
C ASP B 141 7.62 -17.72 1.98
N GLU B 142 8.10 -16.66 1.34
CA GLU B 142 7.51 -15.34 1.52
C GLU B 142 6.14 -15.28 0.85
N MET B 143 5.96 -16.08 -0.20
CA MET B 143 4.66 -16.14 -0.91
C MET B 143 3.62 -16.67 0.04
N ILE B 144 3.88 -17.79 0.69
CA ILE B 144 2.97 -18.33 1.71
C ILE B 144 2.71 -17.33 2.86
N THR B 145 3.78 -16.87 3.48
CA THR B 145 3.61 -16.03 4.63
C THR B 145 2.92 -14.70 4.34
N ASP B 146 3.38 -13.99 3.32
CA ASP B 146 2.82 -12.69 3.00
C ASP B 146 1.46 -12.71 2.28
N GLY B 147 1.18 -13.81 1.58
CA GLY B 147 0.00 -13.87 0.77
C GLY B 147 -1.08 -14.87 1.11
N LEU B 148 -0.67 -16.01 1.65
CA LEU B 148 -1.58 -17.15 1.78
C LEU B 148 -1.82 -17.71 3.17
N TRP B 149 -1.31 -17.05 4.19
CA TRP B 149 -1.30 -17.63 5.53
C TRP B 149 -2.04 -16.67 6.44
N ASP B 150 -2.96 -17.16 7.26
CA ASP B 150 -3.67 -16.27 8.12
C ASP B 150 -2.80 -15.86 9.29
N ALA B 151 -2.64 -14.56 9.50
CA ALA B 151 -1.71 -14.07 10.53
C ALA B 151 -2.24 -14.28 11.98
N PHE B 152 -3.53 -14.52 12.10
CA PHE B 152 -4.19 -14.61 13.40
C PHE B 152 -4.41 -16.04 13.84
N ASN B 153 -4.72 -16.93 12.88
CA ASN B 153 -5.07 -18.31 13.21
C ASN B 153 -3.96 -19.30 12.87
N ASP B 154 -2.88 -18.81 12.25
CA ASP B 154 -1.74 -19.63 11.89
C ASP B 154 -2.09 -20.86 11.01
N TYR B 155 -2.85 -20.65 9.97
CA TYR B 155 -3.09 -21.69 9.00
C TYR B 155 -3.34 -21.14 7.58
N HIS B 156 -3.24 -22.00 6.59
CA HIS B 156 -3.40 -21.57 5.21
C HIS B 156 -4.81 -21.03 4.95
N MET B 157 -4.93 -20.09 4.00
CA MET B 157 -6.22 -19.66 3.45
C MET B 157 -7.13 -20.86 3.09
N GLY B 158 -6.54 -21.95 2.64
CA GLY B 158 -7.29 -23.16 2.27
C GLY B 158 -8.06 -23.74 3.46
N ILE B 159 -7.57 -23.52 4.68
CA ILE B 159 -8.30 -23.91 5.86
C ILE B 159 -9.49 -23.02 6.08
N THR B 160 -9.43 -21.72 5.76
CA THR B 160 -10.64 -20.88 5.82
C THR B 160 -11.71 -21.39 4.87
N ALA B 161 -11.29 -21.95 3.73
CA ALA B 161 -12.21 -22.56 2.73
C ALA B 161 -12.83 -23.82 3.30
N GLU B 162 -12.06 -24.66 3.98
CA GLU B 162 -12.63 -25.81 4.72
C GLU B 162 -13.60 -25.37 5.78
N ASN B 163 -13.32 -24.28 6.52
CA ASN B 163 -14.22 -23.77 7.51
C ASN B 163 -15.60 -23.42 6.96
N ILE B 164 -15.61 -22.75 5.79
CA ILE B 164 -16.85 -22.37 5.15
C ILE B 164 -17.58 -23.61 4.66
N ALA B 165 -16.82 -24.54 4.12
CA ALA B 165 -17.38 -25.76 3.59
C ALA B 165 -18.09 -26.52 4.70
N GLU B 166 -17.45 -26.58 5.85
CA GLU B 166 -18.03 -27.25 7.05
C GLU B 166 -19.26 -26.53 7.62
N ARG B 167 -19.16 -25.21 7.74
CA ARG B 167 -20.25 -24.42 8.26
C ARG B 167 -21.50 -24.42 7.39
N TRP B 168 -21.29 -24.38 6.08
CA TRP B 168 -22.36 -24.28 5.11
C TRP B 168 -22.80 -25.66 4.56
N ASN B 169 -22.10 -26.72 4.95
CA ASN B 169 -22.22 -28.03 4.33
C ASN B 169 -22.14 -28.02 2.80
N ILE B 170 -21.09 -27.46 2.27
CA ILE B 170 -20.83 -27.51 0.83
C ILE B 170 -19.93 -28.70 0.58
N SER B 171 -20.46 -29.73 -0.05
CA SER B 171 -19.75 -30.97 -0.25
C SER B 171 -18.67 -30.92 -1.30
N ARG B 172 -17.75 -31.86 -1.20
CA ARG B 172 -16.74 -32.05 -2.19
C ARG B 172 -17.36 -32.14 -3.59
N GLU B 173 -18.47 -32.86 -3.72
CA GLU B 173 -19.08 -33.08 -5.03
C GLU B 173 -19.58 -31.75 -5.60
N GLU B 174 -20.22 -30.95 -4.76
CA GLU B 174 -20.75 -29.65 -5.13
C GLU B 174 -19.61 -28.67 -5.54
N GLN B 175 -18.53 -28.72 -4.76
CA GLN B 175 -17.30 -27.92 -5.09
C GLN B 175 -16.70 -28.35 -6.42
N ASP B 176 -16.64 -29.66 -6.67
CA ASP B 176 -16.05 -30.20 -7.92
C ASP B 176 -16.89 -29.84 -9.16
N GLU B 177 -18.21 -29.89 -8.99
CA GLU B 177 -19.13 -29.53 -10.06
C GLU B 177 -18.99 -28.06 -10.39
N PHE B 178 -18.85 -27.21 -9.37
CA PHE B 178 -18.63 -25.78 -9.58
C PHE B 178 -17.29 -25.52 -10.33
N ALA B 179 -16.24 -26.22 -9.88
CA ALA B 179 -14.93 -26.17 -10.51
C ALA B 179 -15.03 -26.58 -11.98
N LEU B 180 -15.67 -27.70 -12.27
CA LEU B 180 -15.78 -28.17 -13.68
C LEU B 180 -16.46 -27.12 -14.55
N ALA B 181 -17.53 -26.54 -14.03
CA ALA B 181 -18.28 -25.53 -14.75
C ALA B 181 -17.39 -24.30 -15.06
N SER B 182 -16.50 -23.97 -14.13
CA SER B 182 -15.60 -22.82 -14.31
C SER B 182 -14.61 -23.11 -15.39
N GLN B 183 -14.05 -24.34 -15.37
CA GLN B 183 -13.12 -24.81 -16.35
C GLN B 183 -13.80 -24.77 -17.76
N LYS B 184 -15.01 -25.33 -17.86
CA LYS B 184 -15.68 -25.34 -19.19
C LYS B 184 -15.93 -23.93 -19.70
N LYS B 185 -16.38 -23.04 -18.82
CA LYS B 185 -16.62 -21.68 -19.25
C LYS B 185 -15.34 -20.94 -19.69
N ALA B 186 -14.24 -21.21 -19.02
CA ALA B 186 -12.95 -20.58 -19.39
C ALA B 186 -12.45 -21.10 -20.72
N GLU B 187 -12.57 -22.43 -20.95
CA GLU B 187 -12.22 -23.01 -22.23
C GLU B 187 -13.01 -22.39 -23.37
N GLU B 188 -14.31 -22.20 -23.15
N GLU B 188 -14.31 -22.20 -23.19
CA GLU B 188 -15.20 -21.73 -24.19
CA GLU B 188 -15.13 -21.74 -24.30
C GLU B 188 -14.84 -20.29 -24.53
C GLU B 188 -14.86 -20.25 -24.54
N ALA B 189 -14.59 -19.53 -23.46
CA ALA B 189 -14.23 -18.13 -23.58
C ALA B 189 -12.90 -17.92 -24.25
N ILE B 190 -11.90 -18.74 -23.94
CA ILE B 190 -10.61 -18.61 -24.54
C ILE B 190 -10.72 -18.89 -26.03
N LYS B 191 -11.32 -20.02 -26.35
CA LYS B 191 -11.44 -20.49 -27.76
C LYS B 191 -12.34 -19.62 -28.64
N SER B 192 -13.36 -18.99 -28.06
CA SER B 192 -14.24 -18.11 -28.78
C SER B 192 -13.74 -16.67 -28.89
N GLY B 193 -12.56 -16.35 -28.35
CA GLY B 193 -11.91 -15.02 -28.48
C GLY B 193 -12.43 -13.98 -27.50
N GLN B 194 -13.09 -14.41 -26.43
CA GLN B 194 -13.65 -13.41 -25.52
C GLN B 194 -12.62 -12.51 -24.84
N PHE B 195 -11.39 -12.98 -24.69
CA PHE B 195 -10.39 -12.24 -23.96
C PHE B 195 -9.47 -11.48 -24.91
N LYS B 196 -9.71 -11.59 -26.21
CA LYS B 196 -8.84 -10.89 -27.16
C LYS B 196 -8.73 -9.37 -26.98
N ASP B 197 -9.84 -8.68 -26.73
CA ASP B 197 -9.77 -7.25 -26.59
C ASP B 197 -9.07 -6.82 -25.28
N GLU B 198 -9.16 -7.63 -24.26
CA GLU B 198 -8.58 -7.20 -22.95
C GLU B 198 -7.08 -7.54 -22.72
N ILE B 199 -6.56 -8.58 -23.33
CA ILE B 199 -5.17 -9.07 -23.08
C ILE B 199 -4.15 -8.32 -23.89
N VAL B 200 -3.18 -7.71 -23.20
CA VAL B 200 -1.98 -7.15 -23.82
C VAL B 200 -0.91 -8.19 -23.87
N PRO B 201 -0.30 -8.41 -25.03
CA PRO B 201 0.72 -9.43 -25.06
C PRO B 201 1.95 -9.03 -24.29
N VAL B 202 2.64 -10.00 -23.71
CA VAL B 202 3.91 -9.71 -23.00
C VAL B 202 5.02 -10.29 -23.91
N VAL B 203 6.01 -9.48 -24.26
CA VAL B 203 7.03 -9.88 -25.17
C VAL B 203 8.26 -10.16 -24.35
N ILE B 204 8.73 -11.41 -24.37
CA ILE B 204 9.84 -11.80 -23.54
C ILE B 204 11.10 -11.90 -24.38
N LYS B 205 12.12 -11.13 -24.00
CA LYS B 205 13.40 -11.10 -24.71
C LYS B 205 14.36 -12.03 -24.02
N GLY B 206 14.34 -13.29 -24.41
CA GLY B 206 15.30 -14.27 -23.98
C GLY B 206 16.57 -14.22 -24.80
N ARG B 207 17.65 -14.82 -24.33
CA ARG B 207 18.87 -14.84 -25.13
C ARG B 207 18.68 -15.60 -26.42
N LYS B 208 18.06 -16.76 -26.30
CA LYS B 208 17.83 -17.62 -27.45
C LYS B 208 16.91 -16.98 -28.46
N GLY B 209 15.89 -16.27 -27.96
CA GLY B 209 14.82 -15.79 -28.81
C GLY B 209 14.00 -14.61 -28.31
N GLU B 210 12.95 -14.29 -29.06
CA GLU B 210 11.88 -13.42 -28.59
C GLU B 210 10.63 -14.26 -28.55
N THR B 211 9.95 -14.31 -27.42
CA THR B 211 8.71 -15.08 -27.33
C THR B 211 7.53 -14.16 -26.84
N VAL B 212 6.31 -14.50 -27.22
CA VAL B 212 5.16 -13.69 -26.88
C VAL B 212 4.19 -14.51 -26.03
N VAL B 213 3.78 -13.98 -24.89
CA VAL B 213 2.77 -14.64 -24.09
C VAL B 213 1.49 -13.82 -24.18
N ASP B 214 0.45 -14.45 -24.71
CA ASP B 214 -0.80 -13.76 -24.88
C ASP B 214 -2.04 -14.60 -24.60
N THR B 215 -1.87 -15.76 -24.00
CA THR B 215 -3.00 -16.62 -23.70
C THR B 215 -2.91 -17.09 -22.26
N ASP B 216 -4.05 -17.19 -21.60
CA ASP B 216 -4.11 -17.67 -20.20
C ASP B 216 -3.72 -19.15 -20.17
N GLU B 217 -2.75 -19.56 -19.40
CA GLU B 217 -2.32 -20.92 -19.49
C GLU B 217 -2.82 -21.83 -18.35
N HIS B 218 -3.46 -21.28 -17.35
CA HIS B 218 -3.83 -22.11 -16.22
C HIS B 218 -5.00 -23.08 -16.49
N PRO B 219 -5.93 -22.73 -17.36
CA PRO B 219 -7.09 -23.64 -17.46
C PRO B 219 -6.69 -25.02 -17.90
N ARG B 220 -7.41 -26.04 -17.43
CA ARG B 220 -7.13 -27.38 -17.92
C ARG B 220 -8.25 -27.88 -18.84
N PHE B 221 -8.01 -27.76 -20.13
CA PHE B 221 -9.04 -28.06 -21.16
C PHE B 221 -9.35 -29.54 -21.06
N GLY B 222 -10.58 -29.93 -21.31
CA GLY B 222 -10.98 -31.31 -21.12
C GLY B 222 -10.99 -31.79 -19.67
N SER B 223 -11.08 -30.89 -18.68
CA SER B 223 -11.30 -31.28 -17.27
C SER B 223 -12.54 -32.17 -17.24
N THR B 224 -12.56 -33.17 -16.35
CA THR B 224 -13.75 -34.04 -16.17
C THR B 224 -14.12 -34.16 -14.68
N ILE B 225 -15.38 -34.46 -14.41
CA ILE B 225 -15.80 -34.63 -13.04
C ILE B 225 -15.00 -35.81 -12.44
N GLU B 226 -14.77 -36.87 -13.21
CA GLU B 226 -13.99 -38.01 -12.66
C GLU B 226 -12.54 -37.63 -12.29
N GLY B 227 -11.92 -36.86 -13.18
CA GLY B 227 -10.58 -36.31 -12.93
C GLY B 227 -10.55 -35.47 -11.65
N LEU B 228 -11.58 -34.65 -11.41
CA LEU B 228 -11.66 -33.86 -10.17
C LEU B 228 -11.85 -34.72 -8.89
N ALA B 229 -12.68 -35.75 -8.99
CA ALA B 229 -12.96 -36.63 -7.88
C ALA B 229 -11.75 -37.46 -7.46
N LYS B 230 -10.79 -37.74 -8.31
CA LYS B 230 -9.62 -38.53 -7.90
C LYS B 230 -8.62 -37.73 -7.08
N LEU B 231 -8.69 -36.39 -7.14
CA LEU B 231 -7.70 -35.57 -6.44
C LEU B 231 -7.77 -35.71 -4.91
N LYS B 232 -6.61 -35.58 -4.26
CA LYS B 232 -6.47 -35.57 -2.80
C LYS B 232 -6.71 -34.20 -2.21
N PRO B 233 -7.24 -34.18 -0.98
CA PRO B 233 -7.37 -32.93 -0.24
C PRO B 233 -6.00 -32.30 -0.11
N ALA B 234 -5.97 -30.99 -0.26
CA ALA B 234 -4.72 -30.28 -0.33
C ALA B 234 -4.35 -29.65 1.00
N PHE B 235 -5.30 -29.44 1.91
CA PHE B 235 -5.05 -28.63 3.09
C PHE B 235 -5.29 -29.35 4.41
N LYS B 236 -6.17 -30.34 4.42
CA LYS B 236 -6.34 -31.13 5.62
C LYS B 236 -6.74 -32.55 5.29
N LYS B 237 -6.47 -33.45 6.22
CA LYS B 237 -6.78 -34.84 6.04
C LYS B 237 -8.28 -35.01 5.92
N ASP B 238 -8.71 -35.76 4.92
CA ASP B 238 -10.12 -35.99 4.69
C ASP B 238 -10.85 -34.67 4.47
N GLY B 239 -10.16 -33.69 3.89
CA GLY B 239 -10.73 -32.40 3.54
C GLY B 239 -11.49 -32.44 2.22
N THR B 240 -12.25 -31.40 1.94
CA THR B 240 -12.98 -31.30 0.70
C THR B 240 -12.26 -30.43 -0.34
N VAL B 241 -11.32 -29.59 0.11
CA VAL B 241 -10.66 -28.64 -0.80
C VAL B 241 -9.46 -29.26 -1.39
N THR B 242 -9.31 -29.18 -2.72
CA THR B 242 -8.25 -29.83 -3.46
C THR B 242 -7.63 -28.79 -4.40
N ALA B 243 -6.49 -29.14 -5.01
CA ALA B 243 -5.94 -28.35 -6.14
C ALA B 243 -6.96 -28.06 -7.25
N GLY B 244 -7.95 -28.91 -7.39
CA GLY B 244 -8.87 -28.85 -8.53
C GLY B 244 -10.05 -27.96 -8.26
N ASN B 245 -10.30 -27.67 -7.00
CA ASN B 245 -11.45 -26.85 -6.67
C ASN B 245 -11.06 -25.60 -5.86
N ALA B 246 -9.74 -25.33 -5.86
CA ALA B 246 -9.14 -24.13 -5.35
C ALA B 246 -8.50 -23.36 -6.53
N SER B 247 -8.36 -22.06 -6.37
CA SER B 247 -7.62 -21.22 -7.34
C SER B 247 -6.17 -21.55 -7.31
N GLY B 248 -5.41 -21.07 -8.28
CA GLY B 248 -4.02 -21.38 -8.31
C GLY B 248 -3.13 -20.23 -7.80
N LEU B 249 -1.83 -20.46 -7.93
CA LEU B 249 -0.81 -19.48 -7.70
C LEU B 249 -0.38 -19.01 -9.10
N ASN B 250 -0.38 -17.71 -9.32
CA ASN B 250 -0.36 -17.16 -10.69
C ASN B 250 0.29 -15.75 -10.77
N ASP B 251 0.60 -15.35 -12.02
CA ASP B 251 1.34 -14.16 -12.31
C ASP B 251 0.50 -13.36 -13.33
N CYS B 252 0.35 -12.06 -13.13
CA CYS B 252 -0.48 -11.21 -14.01
C CYS B 252 -0.36 -9.75 -13.59
N ALA B 253 -0.62 -8.82 -14.51
CA ALA B 253 -1.00 -7.45 -14.16
C ALA B 253 -2.27 -7.00 -14.89
N ALA B 254 -3.04 -6.18 -14.24
CA ALA B 254 -4.27 -5.70 -14.77
C ALA B 254 -4.38 -4.21 -14.40
N VAL B 255 -4.60 -3.37 -15.41
CA VAL B 255 -4.61 -1.94 -15.20
C VAL B 255 -5.81 -1.29 -15.89
N LEU B 256 -6.35 -0.27 -15.24
CA LEU B 256 -7.45 0.54 -15.76
C LEU B 256 -7.13 2.03 -15.62
N VAL B 257 -7.63 2.81 -16.57
CA VAL B 257 -7.56 4.27 -16.51
C VAL B 257 -8.93 4.73 -15.98
N ILE B 258 -8.92 5.42 -14.84
CA ILE B 258 -10.06 5.92 -14.19
C ILE B 258 -10.06 7.44 -14.33
N MET B 259 -11.20 7.99 -14.67
CA MET B 259 -11.26 9.44 -14.91
C MET B 259 -12.61 10.05 -14.44
N SER B 260 -12.65 11.35 -14.18
CA SER B 260 -13.96 12.01 -14.05
C SER B 260 -14.64 12.01 -15.42
N ALA B 261 -15.98 11.98 -15.40
CA ALA B 261 -16.77 11.98 -16.63
C ALA B 261 -16.50 13.30 -17.37
N GLU B 262 -16.32 14.38 -16.60
CA GLU B 262 -16.03 15.71 -17.14
C GLU B 262 -14.72 15.69 -17.92
N LYS B 263 -13.65 15.21 -17.28
CA LYS B 263 -12.36 15.10 -18.00
C LYS B 263 -12.46 14.20 -19.19
N ALA B 264 -13.14 13.06 -19.08
CA ALA B 264 -13.27 12.18 -20.23
C ALA B 264 -13.88 12.96 -21.41
N LYS B 265 -14.88 13.77 -21.12
CA LYS B 265 -15.54 14.50 -22.21
C LYS B 265 -14.60 15.54 -22.80
N GLU B 266 -13.95 16.31 -21.97
CA GLU B 266 -12.95 17.25 -22.43
C GLU B 266 -11.86 16.60 -23.29
N LEU B 267 -11.37 15.43 -22.88
CA LEU B 267 -10.31 14.79 -23.65
C LEU B 267 -10.76 13.98 -24.82
N GLY B 268 -12.07 13.97 -25.12
CA GLY B 268 -12.59 13.14 -26.18
C GLY B 268 -12.57 11.64 -25.92
N VAL B 269 -12.60 11.21 -24.64
CA VAL B 269 -12.54 9.79 -24.34
C VAL B 269 -13.98 9.25 -24.41
N LYS B 270 -14.18 8.07 -24.97
CA LYS B 270 -15.46 7.40 -24.82
C LYS B 270 -15.39 6.34 -23.74
N PRO B 271 -15.96 6.61 -22.57
CA PRO B 271 -15.81 5.63 -21.46
C PRO B 271 -16.49 4.33 -21.76
N LEU B 272 -16.04 3.30 -21.02
CA LEU B 272 -16.60 1.97 -21.07
C LEU B 272 -17.72 1.74 -20.04
N ALA B 273 -17.67 2.39 -18.90
CA ALA B 273 -18.64 2.17 -17.82
C ALA B 273 -18.46 3.26 -16.78
N LYS B 274 -19.54 3.56 -16.11
CA LYS B 274 -19.54 4.40 -14.94
C LYS B 274 -19.33 3.59 -13.69
N ILE B 275 -18.53 4.09 -12.78
CA ILE B 275 -18.41 3.45 -11.45
C ILE B 275 -19.51 4.04 -10.59
N VAL B 276 -20.49 3.22 -10.27
CA VAL B 276 -21.69 3.66 -9.51
C VAL B 276 -21.48 3.65 -8.02
N SER B 277 -20.98 2.57 -7.46
CA SER B 277 -20.61 2.62 -6.03
C SER B 277 -19.68 1.49 -5.75
N TYR B 278 -19.31 1.38 -4.49
CA TYR B 278 -18.24 0.43 -4.09
C TYR B 278 -18.38 0.23 -2.59
N GLY B 279 -17.72 -0.79 -2.04
CA GLY B 279 -17.70 -0.95 -0.60
C GLY B 279 -16.64 -1.95 -0.17
N SER B 280 -16.23 -1.84 1.09
CA SER B 280 -15.30 -2.78 1.69
C SER B 280 -15.93 -3.24 3.04
N ALA B 281 -15.58 -4.41 3.51
CA ALA B 281 -16.10 -4.92 4.79
C ALA B 281 -15.11 -5.88 5.41
N GLY B 282 -15.21 -6.02 6.72
CA GLY B 282 -14.37 -6.97 7.48
C GLY B 282 -15.26 -8.06 8.07
N VAL B 283 -14.69 -9.25 8.14
CA VAL B 283 -15.33 -10.38 8.79
C VAL B 283 -14.27 -11.10 9.64
N ASP B 284 -14.70 -12.06 10.43
CA ASP B 284 -13.77 -12.93 11.15
C ASP B 284 -12.74 -13.53 10.13
N PRO B 285 -11.42 -13.46 10.45
CA PRO B 285 -10.41 -14.07 9.55
C PRO B 285 -10.67 -15.55 9.19
N ALA B 286 -11.22 -16.30 10.14
CA ALA B 286 -11.51 -17.72 9.90
C ALA B 286 -12.49 -18.05 8.74
N ILE B 287 -13.32 -17.08 8.39
CA ILE B 287 -14.32 -17.20 7.30
C ILE B 287 -14.20 -16.05 6.27
N MET B 288 -12.96 -15.76 5.93
CA MET B 288 -12.62 -14.60 5.14
C MET B 288 -13.34 -14.68 3.81
N GLY B 289 -13.53 -15.89 3.32
CA GLY B 289 -14.21 -16.13 2.07
C GLY B 289 -15.60 -15.58 1.94
N TYR B 290 -16.18 -15.21 3.08
CA TYR B 290 -17.51 -14.66 3.13
C TYR B 290 -17.54 -13.14 3.03
N GLY B 291 -16.36 -12.51 3.04
CA GLY B 291 -16.27 -11.07 3.01
C GLY B 291 -17.12 -10.37 1.96
N PRO B 292 -17.22 -10.97 0.74
CA PRO B 292 -17.95 -10.32 -0.35
C PRO B 292 -19.43 -10.15 -0.10
N PHE B 293 -19.99 -10.99 0.76
CA PHE B 293 -21.39 -10.89 1.13
C PHE B 293 -21.69 -9.48 1.68
N TYR B 294 -20.89 -9.06 2.65
CA TYR B 294 -21.08 -7.75 3.30
C TYR B 294 -20.64 -6.58 2.44
N ALA B 295 -19.52 -6.78 1.73
CA ALA B 295 -19.02 -5.78 0.80
C ALA B 295 -20.06 -5.50 -0.27
N THR B 296 -20.59 -6.55 -0.85
CA THR B 296 -21.57 -6.44 -1.90
C THR B 296 -22.85 -5.75 -1.42
N LYS B 297 -23.29 -6.12 -0.24
CA LYS B 297 -24.47 -5.52 0.31
C LYS B 297 -24.29 -4.04 0.55
N ALA B 298 -23.11 -3.66 1.03
CA ALA B 298 -22.85 -2.25 1.24
C ALA B 298 -22.91 -1.48 -0.06
N ALA B 299 -22.28 -2.03 -1.08
CA ALA B 299 -22.22 -1.39 -2.38
C ALA B 299 -23.60 -1.24 -2.99
N ILE B 300 -24.38 -2.30 -2.95
CA ILE B 300 -25.72 -2.28 -3.51
C ILE B 300 -26.62 -1.28 -2.78
N GLU B 301 -26.51 -1.23 -1.46
CA GLU B 301 -27.28 -0.25 -0.69
C GLU B 301 -26.87 1.17 -1.02
N LYS B 302 -25.58 1.41 -1.15
CA LYS B 302 -25.12 2.74 -1.48
C LYS B 302 -25.70 3.11 -2.84
N ALA B 303 -25.76 2.16 -3.76
CA ALA B 303 -26.32 2.38 -5.09
C ALA B 303 -27.84 2.40 -5.19
N GLY B 304 -28.53 1.92 -4.17
CA GLY B 304 -29.95 1.75 -4.25
C GLY B 304 -30.36 0.84 -5.39
N TRP B 305 -29.58 -0.20 -5.63
CA TRP B 305 -29.90 -1.26 -6.57
C TRP B 305 -30.37 -2.49 -5.82
N THR B 306 -30.67 -3.57 -6.54
CA THR B 306 -30.83 -4.89 -5.96
C THR B 306 -30.02 -5.93 -6.71
N VAL B 307 -29.74 -7.05 -6.08
CA VAL B 307 -28.96 -8.09 -6.80
C VAL B 307 -29.63 -8.56 -8.09
N ASP B 308 -30.94 -8.58 -8.13
CA ASP B 308 -31.60 -9.17 -9.28
C ASP B 308 -31.59 -8.22 -10.54
N GLU B 309 -31.28 -6.97 -10.30
CA GLU B 309 -31.04 -5.96 -11.37
C GLU B 309 -29.67 -6.14 -12.10
N LEU B 310 -28.74 -6.90 -11.49
CA LEU B 310 -27.44 -7.16 -12.14
C LEU B 310 -27.56 -8.00 -13.44
N ASP B 311 -26.89 -7.57 -14.49
CA ASP B 311 -26.80 -8.32 -15.70
C ASP B 311 -25.55 -9.22 -15.75
N LEU B 312 -24.43 -8.75 -15.19
CA LEU B 312 -23.24 -9.65 -15.08
C LEU B 312 -22.59 -9.50 -13.73
N ILE B 313 -22.02 -10.58 -13.26
CA ILE B 313 -21.33 -10.60 -11.99
C ILE B 313 -19.96 -11.29 -12.13
N GLU B 314 -18.92 -10.67 -11.57
CA GLU B 314 -17.68 -11.37 -11.40
C GLU B 314 -17.46 -11.52 -9.92
N SER B 315 -17.51 -12.75 -9.45
CA SER B 315 -17.34 -13.00 -8.00
C SER B 315 -16.11 -13.89 -7.98
N ASN B 316 -14.99 -13.40 -7.46
CA ASN B 316 -13.73 -14.11 -7.62
C ASN B 316 -13.73 -15.50 -6.98
N GLU B 317 -13.30 -16.53 -7.70
CA GLU B 317 -13.30 -17.91 -7.19
C GLU B 317 -12.04 -18.24 -6.43
N ALA B 318 -11.84 -17.67 -5.24
CA ALA B 318 -10.64 -18.02 -4.46
C ALA B 318 -10.67 -19.54 -4.18
N PHE B 319 -11.82 -20.04 -3.76
CA PHE B 319 -12.12 -21.46 -3.57
C PHE B 319 -13.59 -21.71 -3.94
N ALA B 320 -13.85 -22.86 -4.52
CA ALA B 320 -15.26 -23.24 -4.81
C ALA B 320 -16.12 -23.12 -3.59
N ALA B 321 -15.60 -23.59 -2.45
CA ALA B 321 -16.39 -23.51 -1.21
C ALA B 321 -16.87 -22.09 -0.86
N GLN B 322 -16.01 -21.08 -0.87
CA GLN B 322 -16.46 -19.79 -0.53
C GLN B 322 -17.26 -19.13 -1.63
N SER B 323 -16.98 -19.47 -2.91
CA SER B 323 -17.80 -18.86 -3.99
C SER B 323 -19.22 -19.36 -3.91
N LEU B 324 -19.37 -20.63 -3.61
CA LEU B 324 -20.69 -21.23 -3.49
C LEU B 324 -21.47 -20.66 -2.30
N ALA B 325 -20.81 -20.43 -1.18
CA ALA B 325 -21.45 -19.79 -0.01
C ALA B 325 -21.91 -18.38 -0.28
N VAL B 326 -21.03 -17.55 -0.86
CA VAL B 326 -21.40 -16.17 -1.18
C VAL B 326 -22.58 -16.17 -2.16
N ALA B 327 -22.52 -17.07 -3.14
CA ALA B 327 -23.53 -17.08 -4.18
C ALA B 327 -24.94 -17.48 -3.68
N LYS B 328 -24.99 -18.53 -2.88
CA LYS B 328 -26.23 -18.90 -2.18
C LYS B 328 -26.80 -17.75 -1.37
N ASP B 329 -25.96 -17.08 -0.58
CA ASP B 329 -26.48 -16.08 0.33
C ASP B 329 -26.85 -14.76 -0.33
N LEU B 330 -26.12 -14.34 -1.37
CA LEU B 330 -26.53 -13.18 -2.15
C LEU B 330 -27.60 -13.61 -3.19
N LYS B 331 -27.85 -14.91 -3.34
CA LYS B 331 -28.88 -15.41 -4.29
C LYS B 331 -28.61 -15.08 -5.76
N PHE B 332 -27.40 -15.36 -6.23
CA PHE B 332 -27.02 -15.02 -7.58
C PHE B 332 -27.70 -15.94 -8.54
N ASP B 333 -28.07 -15.43 -9.70
CA ASP B 333 -28.43 -16.32 -10.82
C ASP B 333 -27.09 -16.77 -11.41
N MET B 334 -26.79 -18.06 -11.34
CA MET B 334 -25.45 -18.55 -11.67
C MET B 334 -25.09 -18.42 -13.15
N ASN B 335 -26.10 -18.31 -14.01
CA ASN B 335 -25.87 -18.10 -15.43
C ASN B 335 -25.26 -16.74 -15.74
N LYS B 336 -25.34 -15.78 -14.80
CA LYS B 336 -24.79 -14.42 -14.96
C LYS B 336 -23.43 -14.21 -14.26
N VAL B 337 -22.91 -15.28 -13.66
CA VAL B 337 -21.75 -15.19 -12.77
C VAL B 337 -20.57 -15.81 -13.51
N ASN B 338 -19.46 -15.06 -13.55
CA ASN B 338 -18.22 -15.56 -14.12
C ASN B 338 -18.45 -16.23 -15.49
N VAL B 339 -19.13 -15.51 -16.37
CA VAL B 339 -19.60 -16.11 -17.65
C VAL B 339 -18.46 -16.59 -18.54
N ASN B 340 -17.29 -15.98 -18.35
CA ASN B 340 -16.07 -16.38 -19.08
C ASN B 340 -15.07 -17.28 -18.27
N GLY B 341 -15.56 -17.91 -17.21
CA GLY B 341 -14.73 -18.69 -16.32
C GLY B 341 -14.33 -17.84 -15.14
N GLY B 342 -13.87 -18.49 -14.07
CA GLY B 342 -13.33 -17.76 -12.92
C GLY B 342 -11.95 -18.31 -12.52
N ALA B 343 -11.49 -17.81 -11.36
CA ALA B 343 -10.12 -18.04 -10.93
C ALA B 343 -9.72 -19.46 -10.70
N ILE B 344 -10.66 -20.39 -10.42
CA ILE B 344 -10.32 -21.79 -10.32
C ILE B 344 -9.67 -22.23 -11.65
N ALA B 345 -10.24 -21.80 -12.77
CA ALA B 345 -9.67 -22.13 -14.03
C ALA B 345 -8.56 -21.17 -14.45
N LEU B 346 -8.81 -19.88 -14.28
CA LEU B 346 -7.93 -18.84 -14.87
C LEU B 346 -6.73 -18.49 -14.00
N GLY B 347 -6.83 -18.75 -12.70
CA GLY B 347 -5.80 -18.38 -11.73
C GLY B 347 -6.12 -17.17 -10.87
N HIS B 348 -5.31 -17.01 -9.81
CA HIS B 348 -5.50 -15.99 -8.82
C HIS B 348 -4.18 -15.30 -8.50
N PRO B 349 -3.79 -14.29 -9.29
CA PRO B 349 -2.55 -13.56 -9.01
C PRO B 349 -2.80 -12.43 -8.01
N ILE B 350 -2.53 -12.68 -6.74
CA ILE B 350 -3.27 -12.07 -5.67
C ILE B 350 -3.39 -10.54 -5.77
N GLY B 351 -2.29 -9.82 -5.94
CA GLY B 351 -2.33 -8.39 -6.01
C GLY B 351 -3.11 -7.82 -7.18
N ALA B 352 -3.13 -8.58 -8.26
CA ALA B 352 -3.80 -8.20 -9.48
C ALA B 352 -5.23 -8.72 -9.64
N SER B 353 -5.59 -9.71 -8.84
CA SER B 353 -6.80 -10.44 -9.11
C SER B 353 -8.05 -9.62 -9.14
N GLY B 354 -8.19 -8.71 -8.19
CA GLY B 354 -9.34 -7.86 -8.13
C GLY B 354 -9.41 -6.91 -9.28
N ALA B 355 -8.28 -6.41 -9.76
CA ALA B 355 -8.29 -5.62 -11.04
C ALA B 355 -8.60 -6.49 -12.24
N ARG B 356 -8.09 -7.71 -12.25
CA ARG B 356 -8.30 -8.62 -13.35
C ARG B 356 -9.80 -8.96 -13.55
N ILE B 357 -10.52 -9.28 -12.49
CA ILE B 357 -11.97 -9.55 -12.64
C ILE B 357 -12.75 -8.30 -13.08
N LEU B 358 -12.32 -7.09 -12.67
CA LEU B 358 -12.94 -5.87 -13.11
C LEU B 358 -12.69 -5.64 -14.64
N VAL B 359 -11.45 -5.89 -15.09
CA VAL B 359 -11.13 -5.88 -16.53
C VAL B 359 -12.05 -6.83 -17.29
N THR B 360 -12.12 -8.07 -16.84
CA THR B 360 -12.95 -9.08 -17.44
C THR B 360 -14.40 -8.62 -17.46
N LEU B 361 -14.90 -8.06 -16.35
CA LEU B 361 -16.31 -7.61 -16.27
C LEU B 361 -16.62 -6.53 -17.27
N VAL B 362 -15.79 -5.48 -17.37
CA VAL B 362 -16.15 -4.35 -18.21
C VAL B 362 -16.15 -4.75 -19.66
N HIS B 363 -15.21 -5.60 -20.08
CA HIS B 363 -15.21 -6.09 -21.44
C HIS B 363 -16.39 -7.02 -21.77
N ALA B 364 -16.75 -7.84 -20.80
CA ALA B 364 -17.89 -8.68 -20.98
C ALA B 364 -19.19 -7.84 -21.09
N MET B 365 -19.31 -6.80 -20.30
CA MET B 365 -20.44 -5.91 -20.35
C MET B 365 -20.53 -5.26 -21.76
N GLN B 366 -19.43 -4.82 -22.35
N GLN B 366 -19.41 -4.85 -22.33
CA GLN B 366 -19.52 -4.24 -23.70
CA GLN B 366 -19.39 -4.27 -23.67
C GLN B 366 -19.89 -5.26 -24.76
C GLN B 366 -19.93 -5.27 -24.66
N LYS B 367 -19.38 -6.47 -24.62
CA LYS B 367 -19.72 -7.55 -25.55
C LYS B 367 -21.12 -8.06 -25.56
N ARG B 368 -21.71 -8.14 -24.39
CA ARG B 368 -23.00 -8.74 -24.23
C ARG B 368 -24.05 -7.65 -24.04
N ASP B 369 -23.62 -6.41 -24.13
CA ASP B 369 -24.51 -5.30 -23.97
C ASP B 369 -25.26 -5.30 -22.63
N ALA B 370 -24.57 -5.65 -21.56
CA ALA B 370 -25.19 -5.67 -20.26
C ALA B 370 -25.18 -4.24 -19.65
N LYS B 371 -26.19 -3.86 -18.89
CA LYS B 371 -26.26 -2.55 -18.28
C LYS B 371 -25.59 -2.41 -16.91
N LYS B 372 -25.76 -3.41 -16.05
CA LYS B 372 -25.34 -3.28 -14.66
C LYS B 372 -24.45 -4.46 -14.36
N GLY B 373 -23.34 -4.19 -13.66
CA GLY B 373 -22.37 -5.23 -13.34
C GLY B 373 -21.84 -5.08 -11.93
N LEU B 374 -21.43 -6.21 -11.35
CA LEU B 374 -20.82 -6.25 -10.03
C LEU B 374 -19.51 -7.02 -10.10
N ALA B 375 -18.44 -6.45 -9.55
CA ALA B 375 -17.19 -7.20 -9.32
C ALA B 375 -16.96 -7.28 -7.82
N THR B 376 -16.77 -8.46 -7.29
CA THR B 376 -16.49 -8.61 -5.84
C THR B 376 -15.55 -9.75 -5.56
N LEU B 377 -14.77 -9.62 -4.48
CA LEU B 377 -13.92 -10.69 -4.04
C LEU B 377 -13.55 -10.70 -2.55
N SER B 378 -13.22 -11.89 -2.07
CA SER B 378 -12.77 -12.15 -0.71
C SER B 378 -11.30 -11.75 -0.52
N ILE B 379 -10.92 -11.45 0.72
CA ILE B 379 -9.59 -10.98 1.07
C ILE B 379 -9.02 -11.72 2.28
N GLY B 380 -7.82 -12.25 2.19
CA GLY B 380 -7.21 -12.91 3.35
C GLY B 380 -7.01 -11.95 4.48
N GLY B 381 -7.24 -12.43 5.73
CA GLY B 381 -7.33 -11.57 6.90
C GLY B 381 -8.75 -11.17 7.24
N GLY B 382 -9.72 -11.58 6.42
CA GLY B 382 -11.12 -11.40 6.74
C GLY B 382 -11.69 -10.09 6.20
N GLN B 383 -11.58 -9.88 4.90
CA GLN B 383 -12.19 -8.71 4.30
C GLN B 383 -12.85 -9.01 2.98
N GLY B 384 -13.63 -8.05 2.50
CA GLY B 384 -14.22 -8.13 1.19
C GLY B 384 -14.29 -6.76 0.55
N THR B 385 -14.24 -6.71 -0.76
CA THR B 385 -14.43 -5.44 -1.45
C THR B 385 -15.27 -5.65 -2.72
N ALA B 386 -15.98 -4.61 -3.17
CA ALA B 386 -16.97 -4.73 -4.25
C ALA B 386 -17.09 -3.42 -5.00
N ILE B 387 -17.30 -3.50 -6.31
CA ILE B 387 -17.50 -2.33 -7.15
C ILE B 387 -18.70 -2.60 -8.07
N LEU B 388 -19.51 -1.58 -8.28
CA LEU B 388 -20.70 -1.68 -9.16
C LEU B 388 -20.53 -0.75 -10.37
N LEU B 389 -20.77 -1.27 -11.55
CA LEU B 389 -20.60 -0.56 -12.82
C LEU B 389 -21.94 -0.47 -13.53
N GLU B 390 -22.09 0.61 -14.26
CA GLU B 390 -23.22 0.82 -15.15
C GLU B 390 -22.73 1.24 -16.50
N LYS B 391 -23.22 0.60 -17.55
CA LYS B 391 -22.59 0.74 -18.88
C LYS B 391 -23.04 2.02 -19.54
N CYS B 392 -22.04 2.76 -20.07
CA CYS B 392 -22.19 4.04 -20.78
C CYS B 392 -22.73 3.86 -22.19
#